data_1SVU
#
_entry.id   1SVU
#
_cell.length_a   155
_cell.length_b   47
_cell.length_c   122.7
_cell.angle_alpha   90.00
_cell.angle_beta   121
_cell.angle_gamma   90.00
#
_symmetry.space_group_name_H-M   'C 1 2 1'
#
loop_
_entity.id
_entity.type
_entity.pdbx_description
1 polymer 'Modification methylase HhaI'
2 non-polymer 'SULFATE ION'
3 non-polymer S-ADENOSYL-L-HOMOCYSTEINE
4 non-polymer 'UNKNOWN ATOM OR ION'
5 water water
#
_entity_poly.entity_id   1
_entity_poly.type   'polypeptide(L)'
_entity_poly.pdbx_seq_one_letter_code
;MIEIKDKQLTGLRFIDLFAGLGGFRLALESCGAECVYSNEWDKYAQEVYEMNFGEKPEGDITQVNEKTIPDHDILCAGFP
CQAFSISGKQKGFEDSRGTLFFDIARIVREKKPKVVFMENVKNFASHDNGNTLEVVKNTMNELDYSFHAKVLNALDYGIP
QKRERIYMICFRNDLNIQNFQFPKPFELNTFVKDLLLPDSEVEHLVIDRKDLVMTNQEIEQTTPKTVRLGIVGKGGWGER
IYSTRGIAITLSAYGGGIFAKTGGYLVNGKTRKLHPRECARVMGYPDSYKVHPSTSQAYKQFGNSVVINVLQYIAYNIGS
SLNFKPY
;
_entity_poly.pdbx_strand_id   A,B
#
loop_
_chem_comp.id
_chem_comp.type
_chem_comp.name
_chem_comp.formula
SO4 non-polymer 'SULFATE ION' 'O4 S -2'
UNX non-polymer 'UNKNOWN ATOM OR ION' ?
#
# COMPACT_ATOMS: atom_id res chain seq x y z
N MET A 1 9.34 23.09 0.26
CA MET A 1 9.30 21.70 0.81
C MET A 1 7.86 21.28 1.10
N ILE A 2 7.59 19.98 0.98
CA ILE A 2 6.24 19.48 1.23
C ILE A 2 6.09 18.81 2.59
N GLU A 3 4.90 18.95 3.14
CA GLU A 3 4.57 18.36 4.42
C GLU A 3 3.84 17.06 4.08
N ILE A 4 4.54 15.94 4.23
CA ILE A 4 3.95 14.63 3.92
C ILE A 4 3.30 14.00 5.17
N LYS A 5 1.99 13.76 5.08
CA LYS A 5 1.25 13.19 6.20
C LYS A 5 1.42 11.69 6.48
N ASP A 6 1.42 10.87 5.43
CA ASP A 6 1.59 9.42 5.60
C ASP A 6 3.06 9.03 5.53
N LYS A 7 3.69 8.85 6.67
CA LYS A 7 5.10 8.49 6.70
C LYS A 7 5.34 7.09 6.14
N GLN A 8 5.15 6.94 4.83
CA GLN A 8 5.33 5.65 4.17
C GLN A 8 6.77 5.17 4.27
N LEU A 9 7.46 5.54 5.35
CA LEU A 9 8.85 5.15 5.53
C LEU A 9 9.21 5.05 7.01
N THR A 10 8.25 5.35 7.89
CA THR A 10 8.50 5.33 9.34
C THR A 10 9.54 4.33 9.80
N GLY A 11 9.38 3.08 9.42
CA GLY A 11 10.31 2.05 9.84
C GLY A 11 11.73 2.28 9.42
N LEU A 12 12.01 1.92 8.18
CA LEU A 12 13.32 2.02 7.55
C LEU A 12 14.25 3.13 7.99
N ARG A 13 15.55 2.83 7.94
CA ARG A 13 16.62 3.75 8.32
C ARG A 13 17.55 3.86 7.13
N PHE A 14 18.02 5.08 6.85
CA PHE A 14 18.91 5.30 5.71
C PHE A 14 20.18 6.02 6.10
N ILE A 15 21.16 5.96 5.22
CA ILE A 15 22.40 6.67 5.45
C ILE A 15 22.45 7.75 4.39
N ASP A 16 23.03 8.88 4.76
CA ASP A 16 23.17 10.00 3.87
C ASP A 16 24.56 10.01 3.29
N LEU A 17 24.76 9.24 2.23
CA LEU A 17 26.05 9.18 1.61
C LEU A 17 26.26 10.45 0.81
N PHE A 18 27.46 11.02 0.91
CA PHE A 18 27.76 12.26 0.19
C PHE A 18 26.82 13.35 0.70
N ALA A 19 26.45 13.22 1.97
CA ALA A 19 25.54 14.12 2.69
C ALA A 19 25.12 15.43 2.00
N GLY A 20 26.07 16.34 1.82
CA GLY A 20 25.77 17.60 1.21
C GLY A 20 25.14 18.54 2.24
N LEU A 21 23.83 18.74 2.13
CA LEU A 21 23.10 19.61 3.04
C LEU A 21 21.96 18.77 3.59
N GLY A 22 21.98 17.48 3.26
CA GLY A 22 20.94 16.61 3.75
C GLY A 22 19.64 16.68 2.96
N GLY A 23 19.74 17.02 1.68
CA GLY A 23 18.53 17.08 0.87
C GLY A 23 17.74 15.82 1.14
N PHE A 24 18.40 14.68 1.00
CA PHE A 24 17.77 13.38 1.21
C PHE A 24 17.23 13.19 2.64
N ARG A 25 18.01 13.58 3.64
CA ARG A 25 17.58 13.43 5.03
C ARG A 25 16.30 14.19 5.22
N LEU A 26 16.29 15.43 4.75
CA LEU A 26 15.08 16.23 4.85
C LEU A 26 13.95 15.35 4.30
N ALA A 27 14.09 15.00 3.03
CA ALA A 27 13.09 14.19 2.35
C ALA A 27 12.61 12.95 3.11
N LEU A 28 13.39 11.88 3.06
CA LEU A 28 12.99 10.66 3.73
C LEU A 28 12.42 10.94 5.10
N GLU A 29 13.14 11.68 5.92
CA GLU A 29 12.66 12.01 7.25
C GLU A 29 11.19 12.44 7.21
N SER A 30 10.81 13.25 6.23
CA SER A 30 9.42 13.67 6.14
C SER A 30 8.63 12.40 6.03
N CYS A 31 9.18 11.49 5.25
CA CYS A 31 8.56 10.20 5.03
C CYS A 31 8.66 9.38 6.30
N GLY A 32 9.29 9.95 7.32
CA GLY A 32 9.41 9.23 8.58
C GLY A 32 10.59 8.28 8.70
N ALA A 33 11.37 8.09 7.64
CA ALA A 33 12.52 7.20 7.71
C ALA A 33 13.54 7.81 8.68
N GLU A 34 14.43 6.98 9.21
CA GLU A 34 15.43 7.47 10.17
C GLU A 34 16.83 7.44 9.60
N CYS A 35 17.60 8.51 9.84
CA CYS A 35 18.98 8.59 9.31
C CYS A 35 20.02 8.05 10.26
N VAL A 36 20.68 6.98 9.84
CA VAL A 36 21.68 6.34 10.67
C VAL A 36 23.11 6.77 10.35
N TYR A 37 23.33 7.36 9.18
CA TYR A 37 24.67 7.77 8.80
C TYR A 37 24.69 8.98 7.90
N SER A 38 25.89 9.39 7.53
CA SER A 38 26.11 10.54 6.67
C SER A 38 27.61 10.75 6.63
N ASN A 39 28.10 11.12 5.45
CA ASN A 39 29.51 11.38 5.30
C ASN A 39 29.62 12.49 4.28
N GLU A 40 30.59 13.37 4.47
CA GLU A 40 30.81 14.52 3.59
C GLU A 40 32.10 15.21 4.06
N TRP A 41 33.08 15.34 3.17
CA TRP A 41 34.35 15.96 3.57
C TRP A 41 34.42 17.46 3.55
N ASP A 42 33.57 18.08 2.75
CA ASP A 42 33.57 19.52 2.69
C ASP A 42 33.32 20.16 4.05
N LYS A 43 34.33 20.87 4.54
CA LYS A 43 34.27 21.57 5.83
C LYS A 43 32.97 22.34 6.06
N TYR A 44 32.71 23.31 5.18
CA TYR A 44 31.51 24.13 5.24
C TYR A 44 30.25 23.30 5.01
N ALA A 45 30.43 22.12 4.42
CA ALA A 45 29.30 21.23 4.20
C ALA A 45 29.06 20.62 5.56
N GLN A 46 30.12 20.05 6.11
CA GLN A 46 30.06 19.42 7.42
C GLN A 46 29.54 20.42 8.43
N GLU A 47 29.76 21.69 8.14
CA GLU A 47 29.33 22.76 9.03
C GLU A 47 27.82 22.94 9.05
N VAL A 48 27.22 23.20 7.90
CA VAL A 48 25.78 23.40 7.81
C VAL A 48 25.04 22.17 8.31
N TYR A 49 25.34 21.02 7.70
CA TYR A 49 24.71 19.77 8.11
C TYR A 49 24.59 19.74 9.62
N GLU A 50 25.73 19.78 10.29
CA GLU A 50 25.79 19.75 11.75
C GLU A 50 24.92 20.85 12.32
N MET A 51 24.97 22.01 11.68
CA MET A 51 24.17 23.14 12.13
C MET A 51 22.70 22.73 12.25
N ASN A 52 22.18 22.05 11.22
CA ASN A 52 20.78 21.62 11.24
C ASN A 52 20.57 20.15 11.62
N PHE A 53 21.64 19.36 11.78
CA PHE A 53 21.46 17.94 12.15
C PHE A 53 22.32 17.42 13.30
N GLY A 54 22.90 18.32 14.08
CA GLY A 54 23.71 17.93 15.21
C GLY A 54 24.77 16.85 15.08
N GLU A 55 25.40 16.75 13.91
CA GLU A 55 26.45 15.76 13.72
C GLU A 55 27.36 16.19 12.61
N LYS A 56 28.61 15.75 12.70
CA LYS A 56 29.60 16.08 11.67
C LYS A 56 29.61 14.93 10.69
N PRO A 57 28.96 15.11 9.52
CA PRO A 57 28.97 14.02 8.54
C PRO A 57 30.35 13.39 8.42
N GLU A 58 30.47 12.14 8.84
CA GLU A 58 31.72 11.43 8.78
C GLU A 58 32.57 11.78 7.55
N GLY A 59 33.88 11.88 7.76
CA GLY A 59 34.81 12.23 6.68
C GLY A 59 34.89 11.36 5.42
N ASP A 60 35.74 11.80 4.49
CA ASP A 60 35.96 11.15 3.20
C ASP A 60 35.63 9.66 3.10
N ILE A 61 34.56 9.36 2.38
CA ILE A 61 34.11 7.98 2.19
C ILE A 61 35.18 7.02 1.69
N THR A 62 36.04 7.51 0.79
CA THR A 62 37.11 6.74 0.18
C THR A 62 37.95 5.89 1.12
N GLN A 63 38.07 6.34 2.35
CA GLN A 63 38.88 5.60 3.30
C GLN A 63 37.98 4.95 4.34
N VAL A 64 36.70 5.30 4.33
CA VAL A 64 35.74 4.72 5.28
C VAL A 64 35.40 3.28 4.89
N ASN A 65 35.31 2.41 5.89
CA ASN A 65 35.01 1.00 5.72
C ASN A 65 33.51 0.77 5.54
N GLU A 66 33.15 0.04 4.48
CA GLU A 66 31.74 -0.26 4.21
C GLU A 66 31.25 -1.21 5.29
N LYS A 67 32.17 -1.89 5.95
CA LYS A 67 31.80 -2.79 7.02
C LYS A 67 31.53 -1.96 8.27
N THR A 68 31.49 -0.65 8.09
CA THR A 68 31.24 0.27 9.19
C THR A 68 29.90 0.98 9.08
N ILE A 69 29.41 1.11 7.86
CA ILE A 69 28.15 1.77 7.61
C ILE A 69 27.09 0.99 8.37
N PRO A 70 26.16 1.71 9.02
CA PRO A 70 25.11 1.02 9.77
C PRO A 70 24.25 0.22 8.84
N ASP A 71 23.27 -0.47 9.41
CA ASP A 71 22.34 -1.24 8.61
C ASP A 71 21.27 -0.24 8.20
N HIS A 72 20.87 -0.29 6.94
CA HIS A 72 19.88 0.63 6.46
C HIS A 72 19.01 -0.02 5.40
N ASP A 73 17.94 0.66 5.07
CA ASP A 73 16.99 0.18 4.10
C ASP A 73 17.05 1.05 2.87
N ILE A 74 17.80 2.15 2.97
CA ILE A 74 18.00 3.10 1.87
C ILE A 74 19.33 3.81 1.97
N LEU A 75 20.04 3.84 0.86
CA LEU A 75 21.34 4.50 0.77
C LEU A 75 21.13 5.63 -0.21
N CYS A 76 21.23 6.85 0.27
CA CYS A 76 21.05 7.98 -0.61
C CYS A 76 22.36 8.68 -0.92
N ALA A 77 22.68 8.75 -2.21
CA ALA A 77 23.90 9.40 -2.67
C ALA A 77 23.71 10.09 -4.02
N GLY A 78 23.78 11.42 -4.01
CA GLY A 78 23.65 12.20 -5.22
C GLY A 78 25.03 12.73 -5.51
N PHE A 79 25.86 11.89 -6.12
CA PHE A 79 27.26 12.21 -6.43
C PHE A 79 27.45 13.09 -7.67
N LEU A 100 34.58 6.57 -7.74
CA LEU A 100 33.99 7.07 -6.50
C LEU A 100 32.63 6.39 -6.23
N PHE A 101 31.74 6.40 -7.22
CA PHE A 101 30.45 5.75 -7.08
C PHE A 101 30.77 4.33 -6.62
N PHE A 102 31.91 3.84 -7.08
CA PHE A 102 32.33 2.52 -6.71
C PHE A 102 32.38 2.39 -5.19
N ASP A 103 32.23 3.50 -4.47
CA ASP A 103 32.24 3.41 -3.02
C ASP A 103 30.85 2.96 -2.64
N ILE A 104 29.88 3.56 -3.32
CA ILE A 104 28.49 3.21 -3.08
C ILE A 104 28.39 1.70 -3.17
N ALA A 105 28.57 1.18 -4.39
CA ALA A 105 28.49 -0.25 -4.63
C ALA A 105 29.29 -0.93 -3.56
N ARG A 106 30.56 -0.55 -3.48
CA ARG A 106 31.43 -1.09 -2.48
C ARG A 106 30.58 -1.30 -1.23
N ILE A 107 29.94 -0.24 -0.77
CA ILE A 107 29.07 -0.33 0.40
C ILE A 107 27.79 -1.09 0.10
N VAL A 108 27.13 -0.69 -0.99
CA VAL A 108 25.88 -1.30 -1.43
C VAL A 108 25.99 -2.80 -1.69
N ARG A 109 27.22 -3.31 -1.67
CA ARG A 109 27.46 -4.73 -1.89
C ARG A 109 27.67 -5.36 -0.51
N GLU A 110 28.23 -4.57 0.40
CA GLU A 110 28.49 -5.01 1.76
C GLU A 110 27.26 -4.90 2.64
N LYS A 111 26.61 -3.73 2.61
CA LYS A 111 25.42 -3.49 3.42
C LYS A 111 24.09 -3.71 2.70
N LYS A 112 24.15 -4.25 1.48
CA LYS A 112 22.98 -4.54 0.67
C LYS A 112 21.64 -4.05 1.19
N PRO A 113 21.41 -2.73 1.18
CA PRO A 113 20.12 -2.24 1.67
C PRO A 113 18.96 -2.71 0.80
N LYS A 114 17.74 -2.36 1.22
CA LYS A 114 16.54 -2.73 0.48
C LYS A 114 16.47 -1.92 -0.80
N VAL A 115 16.42 -0.60 -0.64
CA VAL A 115 16.35 0.36 -1.75
C VAL A 115 17.58 1.25 -1.77
N VAL A 116 18.10 1.52 -2.96
CA VAL A 116 19.26 2.39 -3.09
C VAL A 116 18.88 3.61 -3.90
N PHE A 117 18.61 4.70 -3.19
CA PHE A 117 18.19 5.96 -3.77
C PHE A 117 19.37 6.83 -4.17
N MET A 118 19.44 7.14 -5.46
CA MET A 118 20.49 7.99 -5.98
C MET A 118 19.84 9.09 -6.80
N GLU A 119 20.68 10.01 -7.29
CA GLU A 119 20.22 11.13 -8.11
C GLU A 119 21.40 11.92 -8.62
N ASN A 120 21.38 12.24 -9.91
CA ASN A 120 22.49 13.01 -10.45
C ASN A 120 22.08 14.02 -11.49
N VAL A 121 23.07 14.51 -12.23
CA VAL A 121 22.87 15.52 -13.26
C VAL A 121 22.18 15.03 -14.53
N LYS A 122 21.41 15.92 -15.13
CA LYS A 122 20.70 15.61 -16.36
C LYS A 122 21.50 14.68 -17.29
N ASN A 123 22.57 15.22 -17.86
CA ASN A 123 23.40 14.45 -18.80
C ASN A 123 23.98 13.13 -18.34
N PHE A 124 23.70 12.73 -17.10
CA PHE A 124 24.25 11.47 -16.59
C PHE A 124 23.85 10.26 -17.45
N ALA A 125 22.60 10.26 -17.92
CA ALA A 125 22.11 9.15 -18.72
C ALA A 125 22.89 9.00 -20.05
N SER A 126 22.99 10.13 -20.75
CA SER A 126 23.65 10.21 -22.04
C SER A 126 25.17 10.04 -22.00
N HIS A 127 25.81 10.85 -21.17
CA HIS A 127 27.27 10.85 -21.01
C HIS A 127 28.01 9.60 -21.52
N ASP A 128 29.07 9.84 -22.30
CA ASP A 128 29.90 8.76 -22.85
C ASP A 128 29.03 7.72 -23.56
N ASN A 129 27.98 8.23 -24.21
CA ASN A 129 27.03 7.40 -24.95
C ASN A 129 26.40 6.27 -24.13
N GLY A 130 26.24 6.51 -22.83
CA GLY A 130 25.61 5.51 -21.98
C GLY A 130 26.54 4.72 -21.10
N ASN A 131 27.84 4.96 -21.24
CA ASN A 131 28.81 4.25 -20.42
C ASN A 131 28.46 4.49 -18.97
N THR A 132 28.78 5.69 -18.50
CA THR A 132 28.50 6.08 -17.12
C THR A 132 27.27 5.32 -16.62
N LEU A 133 26.17 5.42 -17.36
CA LEU A 133 24.95 4.75 -16.95
C LEU A 133 24.97 3.23 -17.11
N GLU A 134 25.44 2.77 -18.27
CA GLU A 134 25.50 1.33 -18.53
C GLU A 134 26.29 0.75 -17.38
N VAL A 135 27.35 1.46 -16.98
CA VAL A 135 28.16 1.00 -15.88
C VAL A 135 27.26 0.90 -14.65
N VAL A 136 27.02 2.05 -14.03
CA VAL A 136 26.19 2.14 -12.84
C VAL A 136 25.03 1.13 -12.84
N LYS A 137 24.10 1.28 -13.77
CA LYS A 137 22.96 0.38 -13.86
C LYS A 137 23.46 -1.03 -13.66
N ASN A 138 24.25 -1.51 -14.61
CA ASN A 138 24.77 -2.86 -14.53
C ASN A 138 25.57 -3.13 -13.27
N THR A 139 26.13 -2.08 -12.68
CA THR A 139 26.88 -2.28 -11.46
C THR A 139 25.86 -2.55 -10.37
N MET A 140 24.59 -2.33 -10.67
CA MET A 140 23.49 -2.55 -9.72
C MET A 140 22.93 -3.94 -9.90
N ASN A 141 22.72 -4.32 -11.15
CA ASN A 141 22.17 -5.63 -11.44
C ASN A 141 23.23 -6.67 -11.11
N GLU A 142 24.45 -6.49 -11.60
CA GLU A 142 25.51 -7.42 -11.29
C GLU A 142 25.60 -7.36 -9.77
N LEU A 143 24.90 -6.39 -9.20
CA LEU A 143 24.85 -6.21 -7.76
C LEU A 143 23.50 -6.67 -7.19
N ASP A 144 22.61 -7.06 -8.08
CA ASP A 144 21.28 -7.55 -7.74
C ASP A 144 20.27 -6.52 -7.24
N TYR A 145 19.94 -5.57 -8.08
CA TYR A 145 18.96 -4.56 -7.72
C TYR A 145 18.26 -4.17 -8.99
N SER A 146 16.97 -3.91 -8.89
CA SER A 146 16.22 -3.48 -10.06
C SER A 146 16.74 -2.07 -10.23
N PHE A 147 16.76 -1.58 -11.45
CA PHE A 147 17.26 -0.23 -11.70
C PHE A 147 16.18 0.64 -12.34
N HIS A 148 15.87 1.75 -11.71
CA HIS A 148 14.85 2.62 -12.25
C HIS A 148 15.46 3.99 -12.38
N ALA A 149 15.36 4.56 -13.57
CA ALA A 149 15.94 5.87 -13.82
C ALA A 149 14.98 6.74 -14.62
N LYS A 150 15.03 8.04 -14.37
CA LYS A 150 14.16 8.97 -15.06
C LYS A 150 14.58 10.37 -14.65
N VAL A 151 14.38 11.33 -15.55
CA VAL A 151 14.76 12.71 -15.25
C VAL A 151 13.54 13.56 -15.04
N LEU A 152 13.55 14.33 -13.97
CA LEU A 152 12.42 15.17 -13.66
C LEU A 152 12.82 16.61 -13.40
N ASN A 153 12.04 17.53 -13.96
CA ASN A 153 12.34 18.91 -13.76
C ASN A 153 11.60 19.41 -12.53
N ALA A 154 12.37 19.88 -11.55
CA ALA A 154 11.82 20.41 -10.31
C ALA A 154 10.55 21.21 -10.57
N LEU A 155 10.61 22.04 -11.60
CA LEU A 155 9.49 22.88 -11.96
C LEU A 155 8.22 22.07 -12.09
N ASP A 156 8.37 20.83 -12.52
CA ASP A 156 7.26 19.95 -12.71
C ASP A 156 6.62 19.50 -11.43
N TYR A 157 7.14 19.97 -10.31
CA TYR A 157 6.58 19.55 -9.03
C TYR A 157 6.49 20.69 -8.02
N GLY A 158 5.70 21.70 -8.36
CA GLY A 158 5.50 22.83 -7.48
C GLY A 158 6.76 23.62 -7.19
N ILE A 159 7.80 23.39 -8.00
CA ILE A 159 9.07 24.07 -7.82
C ILE A 159 9.37 25.00 -9.01
N PRO A 160 9.62 26.30 -8.74
CA PRO A 160 9.92 27.21 -9.84
C PRO A 160 11.40 27.27 -10.18
N GLN A 161 11.85 26.33 -10.99
CA GLN A 161 13.25 26.30 -11.39
C GLN A 161 13.54 25.30 -12.47
N LYS A 162 14.35 25.73 -13.42
CA LYS A 162 14.73 24.91 -14.54
C LYS A 162 15.82 23.95 -14.10
N ARG A 163 15.46 22.96 -13.30
CA ARG A 163 16.46 21.98 -12.87
C ARG A 163 16.15 20.61 -13.44
N GLU A 164 17.17 19.96 -13.96
CA GLU A 164 16.99 18.64 -14.54
C GLU A 164 18.02 17.68 -13.97
N ARG A 165 17.59 16.88 -12.99
CA ARG A 165 18.45 15.91 -12.36
C ARG A 165 17.95 14.51 -12.64
N ILE A 166 18.84 13.52 -12.54
CA ILE A 166 18.46 12.13 -12.77
C ILE A 166 18.17 11.48 -11.42
N TYR A 167 17.18 10.59 -11.39
CA TYR A 167 16.83 9.91 -10.16
C TYR A 167 16.81 8.42 -10.37
N MET A 168 17.72 7.73 -9.70
CA MET A 168 17.83 6.29 -9.79
C MET A 168 17.37 5.60 -8.53
N ILE A 169 16.24 4.92 -8.62
CA ILE A 169 15.68 4.16 -7.50
C ILE A 169 16.04 2.70 -7.78
N CYS A 170 16.79 2.08 -6.88
CA CYS A 170 17.18 0.70 -7.07
C CYS A 170 16.61 -0.17 -5.96
N PHE A 171 16.05 -1.31 -6.37
CA PHE A 171 15.45 -2.24 -5.43
C PHE A 171 16.16 -3.60 -5.42
N ARG A 172 16.46 -4.10 -4.22
CA ARG A 172 17.10 -5.39 -4.10
C ARG A 172 16.00 -6.35 -4.55
N ASN A 173 16.15 -6.90 -5.76
CA ASN A 173 15.16 -7.80 -6.36
C ASN A 173 14.39 -8.74 -5.44
N ASP A 174 14.95 -9.06 -4.27
CA ASP A 174 14.27 -9.94 -3.35
C ASP A 174 12.90 -9.40 -3.04
N LEU A 175 12.82 -8.07 -2.90
CA LEU A 175 11.56 -7.42 -2.59
C LEU A 175 10.60 -7.62 -3.76
N ASN A 176 11.15 -7.87 -4.93
CA ASN A 176 10.33 -8.07 -6.11
C ASN A 176 9.35 -6.92 -6.17
N ILE A 177 9.86 -5.73 -6.47
CA ILE A 177 9.02 -4.56 -6.54
C ILE A 177 8.71 -4.20 -7.98
N GLN A 178 7.59 -4.71 -8.48
CA GLN A 178 7.18 -4.46 -9.85
C GLN A 178 6.14 -3.36 -9.95
N ASN A 179 6.12 -2.46 -8.98
CA ASN A 179 5.12 -1.39 -8.98
C ASN A 179 5.57 0.02 -8.59
N PHE A 180 6.86 0.28 -8.53
CA PHE A 180 7.28 1.63 -8.18
C PHE A 180 6.96 2.57 -9.34
N GLN A 181 6.50 3.77 -9.03
CA GLN A 181 6.22 4.75 -10.05
C GLN A 181 6.67 6.17 -9.69
N PHE A 182 7.65 6.70 -10.43
CA PHE A 182 8.14 8.06 -10.19
C PHE A 182 6.91 8.96 -10.11
N PRO A 183 7.01 10.07 -9.37
CA PRO A 183 5.84 10.97 -9.24
C PRO A 183 5.31 11.47 -10.56
N LYS A 184 4.00 11.74 -10.61
CA LYS A 184 3.40 12.23 -11.83
C LYS A 184 3.47 13.75 -11.80
N PRO A 185 4.15 14.34 -12.80
CA PRO A 185 4.34 15.79 -12.96
C PRO A 185 3.02 16.53 -12.85
N PHE A 186 3.10 17.78 -12.39
CA PHE A 186 1.90 18.59 -12.24
C PHE A 186 2.20 20.07 -12.40
N GLU A 187 1.33 20.78 -13.11
CA GLU A 187 1.52 22.21 -13.28
C GLU A 187 1.82 22.81 -11.91
N LEU A 188 2.57 23.90 -11.88
CA LEU A 188 2.90 24.53 -10.62
C LEU A 188 2.30 25.91 -10.58
N ASN A 189 2.18 26.45 -9.37
CA ASN A 189 1.63 27.76 -9.21
C ASN A 189 2.37 28.50 -8.12
N THR A 190 3.67 28.67 -8.36
CA THR A 190 4.56 29.35 -7.44
C THR A 190 5.80 29.73 -8.21
N PHE A 191 6.03 31.02 -8.38
CA PHE A 191 7.19 31.43 -9.13
C PHE A 191 8.19 32.21 -8.30
N VAL A 192 9.39 32.33 -8.85
CA VAL A 192 10.49 33.04 -8.22
C VAL A 192 9.93 34.22 -7.45
N LYS A 193 9.29 35.14 -8.17
CA LYS A 193 8.73 36.33 -7.55
C LYS A 193 8.18 36.01 -6.16
N ASP A 194 7.64 34.82 -6.01
CA ASP A 194 7.04 34.37 -4.75
C ASP A 194 8.02 34.06 -3.60
N LEU A 195 9.25 33.65 -3.92
CA LEU A 195 10.21 33.29 -2.87
C LEU A 195 11.27 34.34 -2.53
N LEU A 196 11.07 35.58 -2.96
CA LEU A 196 12.04 36.63 -2.71
C LEU A 196 11.87 37.33 -1.38
N LEU A 197 13.00 37.76 -0.83
CA LEU A 197 13.00 38.45 0.45
C LEU A 197 12.62 39.92 0.29
N PRO A 198 11.92 40.48 1.28
CA PRO A 198 11.48 41.89 1.29
C PRO A 198 12.58 42.83 0.83
N ASP A 199 12.62 43.10 -0.47
CA ASP A 199 13.62 43.97 -1.08
C ASP A 199 14.59 44.57 -0.06
N SER A 200 14.06 45.30 0.90
CA SER A 200 14.91 45.87 1.94
C SER A 200 16.00 44.87 2.26
N GLU A 201 15.64 43.59 2.37
CA GLU A 201 16.60 42.56 2.72
C GLU A 201 17.49 42.06 1.58
N VAL A 202 17.19 42.44 0.35
CA VAL A 202 18.02 41.98 -0.76
C VAL A 202 18.78 43.12 -1.39
N GLU A 203 18.75 44.27 -0.71
CA GLU A 203 19.44 45.46 -1.22
C GLU A 203 20.94 45.23 -1.43
N HIS A 204 21.61 44.62 -0.47
CA HIS A 204 23.03 44.35 -0.62
C HIS A 204 23.33 43.35 -1.76
N LEU A 205 22.28 42.92 -2.46
CA LEU A 205 22.42 41.97 -3.55
C LEU A 205 22.34 42.62 -4.93
N VAL A 206 22.06 43.92 -4.97
CA VAL A 206 21.95 44.62 -6.25
C VAL A 206 23.31 44.72 -6.91
N ILE A 207 23.31 45.07 -8.18
CA ILE A 207 24.55 45.20 -8.92
C ILE A 207 24.26 46.21 -10.02
N ASP A 208 24.52 47.49 -9.75
CA ASP A 208 24.29 48.49 -10.78
C ASP A 208 25.35 48.30 -11.87
N ARG A 209 24.86 47.89 -13.03
CA ARG A 209 25.71 47.62 -14.18
C ARG A 209 25.31 48.48 -15.39
N LYS A 210 26.28 49.26 -15.88
CA LYS A 210 26.01 50.13 -17.03
C LYS A 210 25.87 49.33 -18.32
N ASP A 211 26.57 48.19 -18.44
CA ASP A 211 26.54 47.37 -19.66
C ASP A 211 25.37 46.39 -19.85
N LEU A 212 24.22 46.74 -19.27
CA LEU A 212 23.04 45.90 -19.35
C LEU A 212 22.38 45.95 -20.71
N VAL A 213 21.91 44.79 -21.16
CA VAL A 213 21.21 44.68 -22.42
C VAL A 213 19.89 43.97 -22.17
N MET A 214 18.78 44.62 -22.48
CA MET A 214 17.49 44.01 -22.24
C MET A 214 17.00 43.22 -23.42
N THR A 215 17.69 42.12 -23.72
CA THR A 215 17.31 41.25 -24.83
C THR A 215 15.79 41.14 -24.98
N ASN A 216 15.08 41.52 -23.93
CA ASN A 216 13.64 41.48 -23.94
C ASN A 216 13.03 42.37 -22.88
N GLN A 217 11.70 42.40 -22.81
CA GLN A 217 10.99 43.25 -21.86
C GLN A 217 10.10 42.47 -20.91
N GLU A 218 9.92 43.03 -19.72
CA GLU A 218 9.10 42.46 -18.64
C GLU A 218 7.84 41.75 -19.12
N ILE A 219 7.35 40.83 -18.29
CA ILE A 219 6.16 40.04 -18.61
C ILE A 219 4.96 40.28 -17.66
N GLU A 220 3.76 40.06 -18.19
CA GLU A 220 2.54 40.19 -17.40
C GLU A 220 2.34 38.82 -16.76
N GLN A 221 1.50 38.75 -15.75
CA GLN A 221 1.23 37.49 -15.06
C GLN A 221 2.54 36.72 -14.81
N THR A 222 2.48 35.39 -14.94
CA THR A 222 3.62 34.50 -14.71
C THR A 222 3.66 33.35 -15.71
N THR A 223 4.79 32.66 -15.77
CA THR A 223 4.99 31.53 -16.69
C THR A 223 6.16 30.65 -16.23
N PRO A 224 6.06 29.32 -16.46
CA PRO A 224 7.11 28.39 -16.06
C PRO A 224 8.08 27.98 -17.17
N LYS A 225 9.13 28.76 -17.41
CA LYS A 225 10.10 28.40 -18.45
C LYS A 225 11.43 29.17 -18.44
N THR A 226 11.60 30.11 -17.51
CA THR A 226 12.82 30.92 -17.40
C THR A 226 12.91 32.03 -18.45
N VAL A 227 12.38 33.21 -18.09
CA VAL A 227 12.37 34.36 -18.98
C VAL A 227 13.66 35.19 -18.89
N ARG A 228 14.51 35.04 -19.90
CA ARG A 228 15.78 35.75 -19.97
C ARG A 228 15.62 37.19 -20.44
N LEU A 229 15.08 38.02 -19.55
CA LEU A 229 14.82 39.43 -19.82
C LEU A 229 15.98 40.22 -20.42
N GLY A 230 17.20 39.84 -20.09
CA GLY A 230 18.32 40.56 -20.65
C GLY A 230 19.66 40.10 -20.13
N ILE A 231 20.68 40.29 -20.93
CA ILE A 231 22.02 39.88 -20.56
C ILE A 231 22.94 41.07 -20.25
N VAL A 232 24.14 40.74 -19.80
CA VAL A 232 25.16 41.74 -19.44
C VAL A 232 26.52 41.17 -19.84
N GLY A 233 27.44 42.01 -20.32
CA GLY A 233 28.74 41.52 -20.75
C GLY A 233 28.53 40.72 -22.02
N LYS A 234 29.39 39.73 -22.28
CA LYS A 234 29.25 38.89 -23.48
C LYS A 234 27.98 38.04 -23.35
N GLY A 235 27.19 38.34 -22.32
CA GLY A 235 25.94 37.67 -22.05
C GLY A 235 25.96 36.15 -21.96
N GLY A 236 27.04 35.59 -21.40
CA GLY A 236 27.14 34.15 -21.29
C GLY A 236 26.76 33.52 -19.96
N TRP A 237 27.67 32.71 -19.44
CA TRP A 237 27.43 32.04 -18.17
C TRP A 237 27.39 33.03 -17.02
N GLY A 238 26.28 33.02 -16.28
CA GLY A 238 26.11 33.94 -15.17
C GLY A 238 26.21 35.33 -15.71
N GLU A 239 25.69 35.50 -16.93
CA GLU A 239 25.71 36.76 -17.62
C GLU A 239 24.37 36.98 -18.25
N ARG A 240 23.32 36.68 -17.51
CA ARG A 240 21.98 36.86 -18.01
C ARG A 240 21.09 37.22 -16.86
N ILE A 241 20.05 37.97 -17.16
CA ILE A 241 19.11 38.36 -16.14
C ILE A 241 17.76 37.78 -16.52
N TYR A 242 17.12 37.12 -15.57
CA TYR A 242 15.81 36.52 -15.82
C TYR A 242 14.78 37.28 -15.01
N SER A 243 13.52 37.17 -15.41
CA SER A 243 12.44 37.84 -14.69
C SER A 243 12.17 37.16 -13.35
N THR A 244 11.17 37.69 -12.65
CA THR A 244 10.79 37.16 -11.35
C THR A 244 9.45 36.49 -11.51
N ARG A 245 8.90 36.57 -12.71
CA ARG A 245 7.61 35.99 -13.01
C ARG A 245 7.80 34.69 -13.83
N GLY A 246 9.04 34.22 -13.88
CA GLY A 246 9.35 32.99 -14.58
C GLY A 246 9.78 32.01 -13.51
N ILE A 247 10.78 31.20 -13.82
CA ILE A 247 11.27 30.24 -12.84
C ILE A 247 12.81 30.22 -12.75
N ALA A 248 13.32 30.59 -11.58
CA ALA A 248 14.76 30.63 -11.33
C ALA A 248 15.55 29.59 -12.14
N ILE A 249 16.50 30.04 -12.94
CA ILE A 249 17.28 29.09 -13.72
C ILE A 249 18.18 28.25 -12.84
N THR A 250 18.69 27.15 -13.41
CA THR A 250 19.55 26.20 -12.71
C THR A 250 20.63 26.80 -11.82
N LEU A 251 20.45 26.68 -10.50
CA LEU A 251 21.45 27.17 -9.57
C LEU A 251 22.68 26.33 -9.86
N SER A 252 23.83 26.98 -9.92
CA SER A 252 25.10 26.30 -10.21
C SER A 252 26.05 26.49 -9.05
N ALA A 253 26.81 25.46 -8.72
CA ALA A 253 27.74 25.55 -7.61
C ALA A 253 29.16 25.75 -8.09
N TYR A 254 29.33 25.97 -9.39
CA TYR A 254 30.68 26.18 -9.92
C TYR A 254 30.73 27.22 -11.04
N GLY A 255 29.58 27.84 -11.30
CA GLY A 255 29.48 28.85 -12.34
C GLY A 255 30.41 30.05 -12.21
N GLY A 256 30.66 30.70 -13.36
CA GLY A 256 31.53 31.87 -13.43
C GLY A 256 30.98 32.99 -14.29
N GLY A 257 30.72 34.13 -13.66
CA GLY A 257 30.19 35.29 -14.37
C GLY A 257 29.99 36.42 -13.38
N ILE A 258 29.26 37.47 -13.75
CA ILE A 258 29.05 38.57 -12.82
C ILE A 258 27.84 38.21 -11.95
N PHE A 259 27.00 37.34 -12.49
CA PHE A 259 25.81 36.89 -11.79
C PHE A 259 25.94 35.40 -11.69
N ALA A 260 27.08 35.01 -11.28
CA ALA A 260 27.19 33.63 -11.11
C ALA A 260 26.15 33.04 -10.19
N LYS A 261 26.59 31.82 -9.78
CA LYS A 261 25.99 30.88 -8.82
C LYS A 261 24.48 30.80 -8.87
N THR A 262 23.87 31.93 -8.65
CA THR A 262 22.44 32.03 -8.66
C THR A 262 21.97 32.59 -9.95
N GLY A 263 22.73 33.53 -10.49
CA GLY A 263 22.33 34.18 -11.73
C GLY A 263 21.72 35.52 -11.36
N GLY A 264 21.46 36.37 -12.35
CA GLY A 264 20.87 37.66 -12.08
C GLY A 264 19.38 37.69 -12.36
N TYR A 265 18.65 38.44 -11.54
CA TYR A 265 17.21 38.53 -11.75
C TYR A 265 16.73 39.96 -11.71
N LEU A 266 15.94 40.34 -12.71
CA LEU A 266 15.39 41.69 -12.80
C LEU A 266 14.36 41.91 -11.68
N VAL A 267 14.86 42.38 -10.54
CA VAL A 267 14.02 42.67 -9.38
C VAL A 267 13.86 44.19 -9.23
N ASN A 268 12.79 44.72 -9.82
CA ASN A 268 12.51 46.15 -9.75
C ASN A 268 13.70 46.98 -10.27
N GLY A 269 13.55 47.45 -11.52
CA GLY A 269 14.55 48.28 -12.19
C GLY A 269 15.99 47.83 -12.06
N LYS A 270 16.43 47.72 -10.81
CA LYS A 270 17.77 47.28 -10.48
C LYS A 270 17.87 45.78 -10.75
N THR A 271 19.07 45.34 -11.09
CA THR A 271 19.33 43.94 -11.40
C THR A 271 20.20 43.32 -10.31
N ARG A 272 19.72 42.25 -9.68
CA ARG A 272 20.47 41.59 -8.61
C ARG A 272 20.50 40.08 -8.70
N LYS A 273 21.49 39.52 -8.01
CA LYS A 273 21.70 38.08 -7.93
C LYS A 273 20.75 37.54 -6.85
N LEU A 274 20.43 36.26 -6.86
CA LEU A 274 19.52 35.68 -5.86
C LEU A 274 20.21 35.49 -4.53
N HIS A 275 19.46 35.66 -3.44
CA HIS A 275 20.00 35.51 -2.09
C HIS A 275 20.08 34.07 -1.58
N PRO A 276 21.15 33.73 -0.84
CA PRO A 276 21.30 32.37 -0.33
C PRO A 276 19.96 31.83 0.18
N ARG A 277 19.33 32.55 1.11
CA ARG A 277 18.03 32.12 1.64
C ARG A 277 17.04 31.91 0.51
N GLU A 278 17.10 32.76 -0.51
CA GLU A 278 16.22 32.62 -1.66
C GLU A 278 16.62 31.35 -2.40
N CYS A 279 17.91 31.15 -2.56
CA CYS A 279 18.36 29.94 -3.24
C CYS A 279 17.58 28.80 -2.63
N ALA A 280 17.71 28.66 -1.31
CA ALA A 280 17.02 27.63 -0.54
C ALA A 280 15.60 27.40 -1.02
N ARG A 281 14.72 28.35 -0.74
CA ARG A 281 13.33 28.23 -1.13
C ARG A 281 13.19 27.76 -2.56
N VAL A 282 14.13 28.16 -3.40
CA VAL A 282 14.06 27.75 -4.79
C VAL A 282 14.66 26.35 -4.98
N MET A 283 15.21 25.79 -3.90
CA MET A 283 15.80 24.45 -3.93
C MET A 283 14.84 23.48 -3.26
N GLY A 284 13.77 24.04 -2.67
CA GLY A 284 12.77 23.25 -2.00
C GLY A 284 13.03 23.11 -0.51
N TYR A 285 14.11 23.73 -0.05
CA TYR A 285 14.43 23.64 1.36
C TYR A 285 13.40 24.43 2.15
N PRO A 286 13.19 24.05 3.41
CA PRO A 286 12.23 24.75 4.26
C PRO A 286 12.91 26.01 4.74
N ASP A 287 12.13 27.01 5.15
CA ASP A 287 12.71 28.26 5.60
C ASP A 287 13.47 28.11 6.91
N SER A 288 13.06 27.16 7.73
CA SER A 288 13.69 26.92 9.02
C SER A 288 15.15 26.49 8.92
N TYR A 289 15.53 25.99 7.76
CA TYR A 289 16.88 25.50 7.53
C TYR A 289 17.98 26.55 7.72
N LYS A 290 18.85 26.28 8.68
CA LYS A 290 19.96 27.17 8.97
C LYS A 290 21.01 27.01 7.86
N VAL A 291 21.02 28.00 6.97
CA VAL A 291 21.93 28.05 5.84
C VAL A 291 23.31 28.61 6.20
N HIS A 292 24.35 28.05 5.57
CA HIS A 292 25.70 28.48 5.84
C HIS A 292 25.97 29.96 5.57
N PRO A 293 26.57 30.64 6.56
CA PRO A 293 26.94 32.06 6.57
C PRO A 293 27.90 32.50 5.44
N SER A 294 28.71 31.59 4.93
CA SER A 294 29.60 31.95 3.83
C SER A 294 28.75 31.98 2.57
N THR A 295 28.10 33.11 2.36
CA THR A 295 27.23 33.30 1.22
C THR A 295 27.83 32.69 -0.03
N SER A 296 29.14 32.82 -0.19
CA SER A 296 29.82 32.25 -1.35
C SER A 296 29.57 30.76 -1.31
N GLN A 297 29.87 30.17 -0.15
CA GLN A 297 29.72 28.75 0.07
C GLN A 297 28.28 28.28 -0.09
N ALA A 298 27.39 28.83 0.73
CA ALA A 298 25.98 28.48 0.69
C ALA A 298 25.59 28.28 -0.76
N TYR A 299 25.78 29.33 -1.53
CA TYR A 299 25.48 29.31 -2.95
C TYR A 299 26.00 28.01 -3.55
N LYS A 300 27.30 27.78 -3.42
CA LYS A 300 27.91 26.57 -3.95
C LYS A 300 27.17 25.34 -3.45
N GLN A 301 26.82 25.38 -2.17
CA GLN A 301 26.12 24.29 -1.54
C GLN A 301 24.83 24.05 -2.27
N PHE A 302 24.01 25.09 -2.34
CA PHE A 302 22.74 24.97 -3.02
C PHE A 302 22.94 24.63 -4.49
N GLY A 303 23.99 25.17 -5.09
CA GLY A 303 24.27 24.86 -6.48
C GLY A 303 24.43 23.37 -6.64
N ASN A 304 24.92 22.72 -5.59
CA ASN A 304 25.16 21.28 -5.59
C ASN A 304 24.07 20.38 -5.01
N SER A 305 23.26 20.92 -4.10
CA SER A 305 22.22 20.14 -3.46
C SER A 305 21.07 19.75 -4.36
N VAL A 306 20.08 19.10 -3.76
CA VAL A 306 18.93 18.64 -4.50
C VAL A 306 17.62 19.30 -4.13
N VAL A 307 16.67 19.18 -5.05
CA VAL A 307 15.34 19.73 -4.92
C VAL A 307 14.54 18.84 -3.99
N ILE A 308 14.35 19.31 -2.77
CA ILE A 308 13.62 18.56 -1.75
C ILE A 308 12.26 18.01 -2.22
N ASN A 309 11.37 18.91 -2.61
CA ASN A 309 10.05 18.51 -3.05
C ASN A 309 10.04 17.24 -3.88
N VAL A 310 10.89 17.19 -4.90
CA VAL A 310 10.95 16.00 -5.76
C VAL A 310 11.38 14.80 -4.94
N LEU A 311 12.41 15.00 -4.15
CA LEU A 311 12.93 13.96 -3.29
C LEU A 311 11.80 13.38 -2.47
N GLN A 312 10.99 14.26 -1.89
CA GLN A 312 9.87 13.84 -1.06
C GLN A 312 8.93 12.94 -1.85
N TYR A 313 8.63 13.32 -3.08
CA TYR A 313 7.74 12.52 -3.89
C TYR A 313 8.32 11.15 -4.10
N ILE A 314 9.41 11.09 -4.86
CA ILE A 314 10.05 9.81 -5.13
C ILE A 314 10.13 8.98 -3.86
N ALA A 315 10.59 9.60 -2.77
CA ALA A 315 10.71 8.92 -1.48
C ALA A 315 9.38 8.24 -1.21
N TYR A 316 8.36 9.05 -1.02
CA TYR A 316 7.02 8.55 -0.77
C TYR A 316 6.73 7.29 -1.58
N ASN A 317 6.68 7.46 -2.88
CA ASN A 317 6.41 6.36 -3.78
C ASN A 317 7.38 5.20 -3.66
N ILE A 318 8.54 5.44 -3.06
CA ILE A 318 9.51 4.38 -2.88
C ILE A 318 8.91 3.52 -1.77
N GLY A 319 8.64 4.16 -0.64
CA GLY A 319 8.08 3.47 0.49
C GLY A 319 6.71 2.94 0.08
N SER A 320 5.97 3.75 -0.67
CA SER A 320 4.66 3.35 -1.10
C SER A 320 4.66 2.06 -1.92
N SER A 321 5.82 1.63 -2.38
CA SER A 321 5.87 0.41 -3.17
C SER A 321 6.28 -0.71 -2.26
N LEU A 322 7.20 -0.38 -1.37
CA LEU A 322 7.69 -1.34 -0.42
C LEU A 322 6.52 -1.78 0.44
N ASN A 323 5.61 -0.87 0.69
CA ASN A 323 4.48 -1.16 1.55
C ASN A 323 3.34 -1.92 0.93
N PHE A 324 3.40 -2.18 -0.37
CA PHE A 324 2.31 -2.92 -0.96
C PHE A 324 2.57 -4.40 -0.93
N LYS A 325 2.35 -5.01 0.21
CA LYS A 325 2.54 -6.44 0.35
C LYS A 325 1.17 -7.07 0.54
N PRO A 326 0.62 -7.69 -0.51
CA PRO A 326 -0.69 -8.34 -0.44
C PRO A 326 -0.52 -9.82 -0.12
N TYR A 327 -1.62 -10.57 -0.12
CA TYR A 327 -1.56 -12.01 0.14
C TYR A 327 -1.75 -12.72 -1.18
N MET B 1 -9.41 -17.88 13.57
CA MET B 1 -9.07 -17.07 12.36
C MET B 1 -7.63 -16.68 12.50
N ILE B 2 -7.13 -15.91 11.55
CA ILE B 2 -5.75 -15.48 11.64
C ILE B 2 -5.69 -14.07 12.23
N GLU B 3 -4.48 -13.61 12.54
CA GLU B 3 -4.31 -12.29 13.13
C GLU B 3 -3.58 -11.35 12.15
N ILE B 4 -4.33 -10.46 11.51
CA ILE B 4 -3.76 -9.51 10.57
C ILE B 4 -3.08 -8.37 11.32
N LYS B 5 -1.76 -8.48 11.46
CA LYS B 5 -0.99 -7.45 12.16
C LYS B 5 -1.11 -6.09 11.49
N ASP B 6 -0.99 -6.06 10.17
CA ASP B 6 -1.11 -4.79 9.46
C ASP B 6 -2.60 -4.46 9.28
N LYS B 7 -3.09 -3.48 10.03
CA LYS B 7 -4.49 -3.11 9.94
C LYS B 7 -4.72 -2.21 8.72
N GLN B 8 -4.73 -2.83 7.54
CA GLN B 8 -4.91 -2.08 6.30
C GLN B 8 -6.36 -1.71 6.00
N LEU B 9 -7.15 -1.53 7.04
CA LEU B 9 -8.55 -1.15 6.90
C LEU B 9 -8.90 -0.13 8.00
N THR B 10 -7.95 0.04 8.92
CA THR B 10 -8.06 0.95 10.05
C THR B 10 -9.00 2.12 9.87
N GLY B 11 -8.70 2.96 8.90
CA GLY B 11 -9.55 4.11 8.69
C GLY B 11 -10.94 3.71 8.25
N LEU B 12 -11.00 2.77 7.33
CA LEU B 12 -12.25 2.29 6.76
C LEU B 12 -13.39 1.99 7.71
N ARG B 13 -14.53 1.68 7.11
CA ARG B 13 -15.73 1.34 7.84
C ARG B 13 -16.65 0.58 6.90
N PHE B 14 -17.18 -0.53 7.38
CA PHE B 14 -18.05 -1.38 6.58
C PHE B 14 -19.41 -1.55 7.23
N ILE B 15 -20.22 -2.37 6.58
CA ILE B 15 -21.55 -2.68 7.06
C ILE B 15 -21.79 -4.15 6.71
N ASP B 16 -22.29 -4.89 7.69
CA ASP B 16 -22.58 -6.31 7.51
C ASP B 16 -24.03 -6.49 7.14
N LEU B 17 -24.27 -6.65 5.84
CA LEU B 17 -25.62 -6.86 5.34
C LEU B 17 -25.78 -8.36 5.14
N PHE B 18 -26.85 -8.91 5.71
CA PHE B 18 -27.07 -10.36 5.62
C PHE B 18 -25.94 -10.89 6.48
N ALA B 19 -25.77 -10.23 7.62
CA ALA B 19 -24.71 -10.56 8.57
C ALA B 19 -24.40 -12.04 8.81
N GLY B 20 -25.44 -12.79 9.18
CA GLY B 20 -25.27 -14.19 9.49
C GLY B 20 -24.63 -14.22 10.85
N LEU B 21 -23.60 -15.03 11.03
CA LEU B 21 -22.94 -15.06 12.31
C LEU B 21 -21.99 -13.86 12.37
N GLY B 22 -22.15 -12.93 11.44
CA GLY B 22 -21.29 -11.76 11.39
C GLY B 22 -19.94 -12.13 10.81
N GLY B 23 -19.93 -13.14 9.97
CA GLY B 23 -18.69 -13.60 9.37
C GLY B 23 -17.82 -12.45 8.92
N PHE B 24 -18.38 -11.62 8.05
CA PHE B 24 -17.67 -10.49 7.52
C PHE B 24 -17.05 -9.60 8.59
N ARG B 25 -17.93 -8.97 9.37
CA ARG B 25 -17.52 -8.06 10.42
C ARG B 25 -16.40 -8.58 11.28
N LEU B 26 -16.10 -9.86 11.20
CA LEU B 26 -15.03 -10.44 12.01
C LEU B 26 -13.69 -10.35 11.30
N ALA B 27 -13.73 -10.38 9.97
CA ALA B 27 -12.52 -10.31 9.16
C ALA B 27 -12.10 -8.88 8.94
N LEU B 28 -13.04 -8.05 8.48
CA LEU B 28 -12.73 -6.65 8.23
C LEU B 28 -12.15 -6.10 9.51
N GLU B 29 -12.89 -6.27 10.58
CA GLU B 29 -12.44 -5.78 11.87
C GLU B 29 -11.00 -6.27 12.15
N SER B 30 -10.62 -7.43 11.63
CA SER B 30 -9.26 -7.92 11.87
C SER B 30 -8.27 -7.12 11.04
N CYS B 31 -8.80 -6.38 10.08
CA CYS B 31 -7.95 -5.54 9.26
C CYS B 31 -8.13 -4.10 9.67
N GLY B 32 -9.01 -3.89 10.65
CA GLY B 32 -9.24 -2.54 11.14
C GLY B 32 -10.56 -1.87 10.79
N ALA B 33 -11.19 -2.29 9.70
CA ALA B 33 -12.45 -1.69 9.30
C ALA B 33 -13.40 -1.69 10.48
N GLU B 34 -14.33 -0.73 10.49
CA GLU B 34 -15.31 -0.61 11.58
C GLU B 34 -16.76 -0.79 11.10
N CYS B 35 -17.50 -1.61 11.83
CA CYS B 35 -18.88 -1.83 11.44
C CYS B 35 -19.71 -0.64 11.90
N VAL B 36 -20.34 0.00 10.92
CA VAL B 36 -21.17 1.16 11.17
C VAL B 36 -22.62 0.72 11.07
N TYR B 37 -22.86 -0.38 10.36
CA TYR B 37 -24.21 -0.89 10.24
C TYR B 37 -24.30 -2.39 10.08
N SER B 38 -25.37 -2.95 10.63
CA SER B 38 -25.60 -4.38 10.57
C SER B 38 -27.08 -4.69 10.33
N ASN B 39 -27.34 -5.74 9.55
CA ASN B 39 -28.70 -6.15 9.27
C ASN B 39 -28.78 -7.67 9.18
N GLU B 40 -29.91 -8.22 9.61
CA GLU B 40 -30.15 -9.66 9.59
C GLU B 40 -31.43 -9.96 10.33
N TRP B 41 -32.36 -10.65 9.70
CA TRP B 41 -33.63 -10.93 10.35
C TRP B 41 -33.82 -12.22 11.16
N ASP B 42 -32.91 -13.18 11.06
CA ASP B 42 -33.11 -14.40 11.83
C ASP B 42 -32.97 -14.21 13.35
N LYS B 43 -34.01 -14.59 14.09
CA LYS B 43 -34.00 -14.44 15.55
C LYS B 43 -32.70 -14.98 16.16
N TYR B 44 -32.21 -16.09 15.62
CA TYR B 44 -30.98 -16.70 16.14
C TYR B 44 -29.72 -15.95 15.79
N ALA B 45 -29.60 -15.56 14.55
CA ALA B 45 -28.41 -14.79 14.18
C ALA B 45 -28.37 -13.62 15.17
N GLN B 46 -29.34 -12.71 15.06
CA GLN B 46 -29.41 -11.56 15.95
C GLN B 46 -29.06 -12.02 17.35
N GLU B 47 -29.51 -13.21 17.70
CA GLU B 47 -29.22 -13.75 19.00
C GLU B 47 -27.70 -13.76 19.21
N VAL B 48 -27.00 -14.49 18.35
CA VAL B 48 -25.54 -14.60 18.43
C VAL B 48 -24.79 -13.31 18.11
N TYR B 49 -25.11 -12.71 16.97
CA TYR B 49 -24.48 -11.47 16.52
C TYR B 49 -24.48 -10.49 17.68
N GLU B 50 -25.49 -10.63 18.53
CA GLU B 50 -25.58 -9.77 19.70
C GLU B 50 -24.44 -10.17 20.62
N MET B 51 -24.60 -11.31 21.29
CA MET B 51 -23.60 -11.81 22.21
C MET B 51 -22.15 -11.58 21.76
N ASN B 52 -21.92 -11.66 20.46
CA ASN B 52 -20.57 -11.50 19.93
C ASN B 52 -20.14 -10.11 19.47
N PHE B 53 -21.06 -9.31 18.94
CA PHE B 53 -20.69 -7.98 18.47
C PHE B 53 -21.37 -6.84 19.20
N GLY B 54 -21.80 -7.08 20.42
CA GLY B 54 -22.45 -6.05 21.21
C GLY B 54 -23.78 -5.50 20.70
N GLU B 55 -24.18 -5.88 19.47
CA GLU B 55 -25.43 -5.39 18.90
C GLU B 55 -26.33 -6.47 18.28
N LYS B 56 -27.55 -6.07 17.89
CA LYS B 56 -28.51 -6.98 17.26
C LYS B 56 -29.02 -6.43 15.92
N PRO B 57 -28.36 -6.81 14.82
CA PRO B 57 -28.60 -6.45 13.42
C PRO B 57 -30.01 -6.00 13.11
N GLU B 58 -30.18 -4.93 12.34
CA GLU B 58 -31.51 -4.49 12.01
C GLU B 58 -32.23 -5.65 11.31
N GLY B 59 -33.55 -5.53 11.19
CA GLY B 59 -34.34 -6.60 10.59
C GLY B 59 -34.45 -6.63 9.09
N ASP B 60 -35.67 -6.91 8.62
CA ASP B 60 -35.93 -7.01 7.20
C ASP B 60 -35.31 -5.88 6.40
N ILE B 61 -34.56 -6.25 5.36
CA ILE B 61 -33.90 -5.29 4.47
C ILE B 61 -34.91 -4.68 3.51
N THR B 62 -35.65 -5.55 2.83
CA THR B 62 -36.65 -5.08 1.91
C THR B 62 -37.46 -4.03 2.67
N GLN B 63 -37.44 -4.13 3.99
CA GLN B 63 -38.15 -3.18 4.82
C GLN B 63 -37.18 -2.17 5.48
N VAL B 64 -36.44 -1.41 4.65
CA VAL B 64 -35.48 -0.42 5.15
C VAL B 64 -34.97 0.51 4.03
N ASN B 65 -35.05 1.83 4.26
CA ASN B 65 -34.58 2.79 3.24
C ASN B 65 -33.06 2.72 3.07
N GLU B 66 -32.59 2.82 1.83
CA GLU B 66 -31.16 2.77 1.52
C GLU B 66 -30.42 3.94 2.17
N LYS B 67 -31.12 5.05 2.29
CA LYS B 67 -30.54 6.24 2.89
C LYS B 67 -30.53 6.11 4.42
N THR B 68 -31.32 5.16 4.93
CA THR B 68 -31.39 4.88 6.37
C THR B 68 -30.06 4.27 6.72
N ILE B 69 -29.45 3.71 5.68
CA ILE B 69 -28.14 3.07 5.73
C ILE B 69 -27.05 4.13 5.96
N PRO B 70 -26.35 4.05 7.10
CA PRO B 70 -25.30 5.05 7.32
C PRO B 70 -24.21 5.00 6.26
N ASP B 71 -23.46 6.10 6.15
CA ASP B 71 -22.36 6.18 5.20
C ASP B 71 -21.39 5.05 5.51
N HIS B 72 -20.65 4.58 4.51
CA HIS B 72 -19.68 3.51 4.72
C HIS B 72 -18.78 3.36 3.52
N ASP B 73 -17.61 2.76 3.74
CA ASP B 73 -16.59 2.53 2.71
C ASP B 73 -16.76 1.22 1.99
N ILE B 74 -16.97 0.17 2.78
CA ILE B 74 -17.14 -1.17 2.25
C ILE B 74 -18.48 -1.77 2.67
N LEU B 75 -19.10 -2.51 1.77
CA LEU B 75 -20.38 -3.14 2.07
C LEU B 75 -20.23 -4.64 1.93
N CYS B 76 -20.02 -5.32 3.05
CA CYS B 76 -19.88 -6.77 3.01
C CYS B 76 -21.29 -7.37 3.00
N ALA B 77 -21.51 -8.36 2.14
CA ALA B 77 -22.83 -8.97 2.08
C ALA B 77 -22.85 -10.31 1.34
N GLY B 78 -23.02 -11.38 2.11
CA GLY B 78 -23.12 -12.72 1.55
C GLY B 78 -24.62 -12.81 1.38
N PHE B 79 -25.08 -13.22 0.22
CA PHE B 79 -26.52 -13.23 0.02
C PHE B 79 -27.11 -14.44 -0.65
N PRO B 80 -28.44 -14.60 -0.49
CA PRO B 80 -29.14 -15.73 -1.07
C PRO B 80 -29.27 -15.56 -2.57
N CYS B 81 -28.78 -16.55 -3.31
CA CYS B 81 -28.86 -16.52 -4.77
C CYS B 81 -30.33 -16.58 -5.16
N GLN B 82 -30.72 -15.84 -6.19
CA GLN B 82 -32.11 -15.86 -6.62
C GLN B 82 -32.21 -15.72 -8.13
N ALA B 83 -33.37 -15.23 -8.61
CA ALA B 83 -33.60 -15.05 -10.05
C ALA B 83 -34.61 -13.92 -10.33
N ARG B 97 -31.51 -7.27 -11.03
CA ARG B 97 -32.22 -6.76 -9.86
C ARG B 97 -33.70 -7.12 -9.93
N GLY B 98 -34.39 -7.01 -8.79
CA GLY B 98 -35.80 -7.33 -8.71
C GLY B 98 -36.14 -8.43 -7.70
N THR B 99 -35.26 -8.62 -6.71
CA THR B 99 -35.44 -9.65 -5.67
C THR B 99 -34.84 -9.27 -4.30
N LEU B 100 -33.65 -9.78 -4.03
CA LEU B 100 -32.96 -9.53 -2.77
C LEU B 100 -31.52 -9.09 -3.02
N PHE B 101 -31.19 -8.91 -4.30
CA PHE B 101 -29.87 -8.44 -4.65
C PHE B 101 -30.12 -6.97 -4.94
N PHE B 102 -31.27 -6.73 -5.56
CA PHE B 102 -31.70 -5.36 -5.88
C PHE B 102 -32.02 -4.70 -4.57
N ASP B 103 -31.52 -5.29 -3.49
CA ASP B 103 -31.71 -4.75 -2.17
C ASP B 103 -30.30 -4.27 -1.89
N ILE B 104 -29.34 -5.02 -2.43
CA ILE B 104 -27.93 -4.66 -2.28
C ILE B 104 -27.71 -3.46 -3.19
N ALA B 105 -27.98 -3.65 -4.48
CA ALA B 105 -27.83 -2.60 -5.48
C ALA B 105 -28.48 -1.31 -4.98
N ARG B 106 -29.80 -1.33 -4.83
CA ARG B 106 -30.56 -0.18 -4.36
C ARG B 106 -29.79 0.55 -3.27
N ILE B 107 -29.03 -0.20 -2.49
CA ILE B 107 -28.23 0.39 -1.45
C ILE B 107 -26.96 0.89 -2.10
N VAL B 108 -26.20 -0.06 -2.66
CA VAL B 108 -24.95 0.25 -3.33
C VAL B 108 -25.02 1.46 -4.26
N ARG B 109 -26.15 1.65 -4.94
CA ARG B 109 -26.30 2.79 -5.85
C ARG B 109 -26.72 4.05 -5.10
N GLU B 110 -27.39 3.88 -3.97
CA GLU B 110 -27.84 5.03 -3.21
C GLU B 110 -26.76 5.62 -2.32
N LYS B 111 -26.14 4.78 -1.50
CA LYS B 111 -25.10 5.25 -0.59
C LYS B 111 -23.70 5.08 -1.15
N LYS B 112 -23.62 4.88 -2.46
CA LYS B 112 -22.34 4.70 -3.18
C LYS B 112 -21.07 4.48 -2.35
N PRO B 113 -20.77 3.22 -1.99
CA PRO B 113 -19.59 2.85 -1.20
C PRO B 113 -18.38 2.61 -2.08
N LYS B 114 -17.20 2.90 -1.55
CA LYS B 114 -15.97 2.71 -2.29
C LYS B 114 -15.81 1.28 -2.78
N VAL B 115 -16.31 0.34 -1.98
CA VAL B 115 -16.20 -1.09 -2.30
C VAL B 115 -17.43 -1.92 -1.90
N VAL B 116 -17.74 -2.91 -2.74
CA VAL B 116 -18.85 -3.83 -2.46
C VAL B 116 -18.23 -5.22 -2.37
N PHE B 117 -18.29 -5.78 -1.16
CA PHE B 117 -17.74 -7.09 -0.85
C PHE B 117 -18.87 -8.10 -0.61
N MET B 118 -19.09 -8.99 -1.58
CA MET B 118 -20.13 -10.02 -1.47
C MET B 118 -19.50 -11.38 -1.75
N GLU B 119 -20.20 -12.44 -1.35
CA GLU B 119 -19.71 -13.78 -1.58
C GLU B 119 -20.94 -14.67 -1.68
N ASN B 120 -20.79 -15.85 -2.26
CA ASN B 120 -21.93 -16.77 -2.38
C ASN B 120 -21.51 -18.20 -2.58
N VAL B 121 -22.51 -19.04 -2.84
CA VAL B 121 -22.30 -20.46 -3.06
C VAL B 121 -21.46 -20.77 -4.28
N LYS B 122 -20.75 -21.88 -4.20
CA LYS B 122 -19.89 -22.33 -5.28
C LYS B 122 -20.52 -22.17 -6.64
N ASN B 123 -21.51 -23.01 -6.92
CA ASN B 123 -22.18 -23.00 -8.22
C ASN B 123 -22.89 -21.70 -8.56
N PHE B 124 -22.50 -20.60 -7.92
CA PHE B 124 -23.14 -19.32 -8.20
C PHE B 124 -22.89 -18.90 -9.65
N ALA B 125 -21.69 -19.19 -10.14
CA ALA B 125 -21.34 -18.84 -11.52
C ALA B 125 -22.23 -19.64 -12.46
N SER B 126 -22.17 -20.96 -12.32
CA SER B 126 -22.93 -21.90 -13.12
C SER B 126 -24.44 -21.71 -13.04
N HIS B 127 -24.90 -21.29 -11.88
CA HIS B 127 -26.33 -21.08 -11.65
C HIS B 127 -27.05 -20.42 -12.81
N ASP B 128 -28.18 -21.01 -13.19
CA ASP B 128 -28.98 -20.55 -14.31
C ASP B 128 -28.15 -20.09 -15.48
N ASN B 129 -27.31 -20.98 -15.96
CA ASN B 129 -26.45 -20.68 -17.08
C ASN B 129 -25.69 -19.37 -16.87
N GLY B 130 -25.40 -19.03 -15.61
CA GLY B 130 -24.64 -17.81 -15.35
C GLY B 130 -25.44 -16.52 -15.40
N ASN B 131 -26.59 -16.53 -16.07
CA ASN B 131 -27.43 -15.34 -16.18
C ASN B 131 -27.84 -14.78 -14.82
N THR B 132 -27.11 -15.17 -13.80
CA THR B 132 -27.34 -14.71 -12.46
C THR B 132 -26.08 -13.92 -12.19
N LEU B 133 -24.93 -14.57 -12.35
CA LEU B 133 -23.67 -13.88 -12.12
C LEU B 133 -23.66 -12.74 -13.12
N GLU B 134 -23.97 -13.08 -14.36
CA GLU B 134 -24.01 -12.12 -15.44
C GLU B 134 -24.71 -10.90 -14.89
N VAL B 135 -25.96 -11.07 -14.49
CA VAL B 135 -26.73 -9.97 -13.95
C VAL B 135 -25.93 -9.22 -12.92
N VAL B 136 -25.56 -9.91 -11.85
CA VAL B 136 -24.80 -9.28 -10.76
C VAL B 136 -23.70 -8.39 -11.33
N LYS B 137 -22.76 -9.00 -12.05
CA LYS B 137 -21.68 -8.24 -12.65
C LYS B 137 -22.20 -6.92 -13.20
N ASN B 138 -22.97 -6.99 -14.27
CA ASN B 138 -23.52 -5.82 -14.92
C ASN B 138 -24.15 -4.84 -13.96
N THR B 139 -25.13 -5.29 -13.19
CA THR B 139 -25.77 -4.40 -12.23
C THR B 139 -24.67 -3.72 -11.44
N MET B 140 -23.61 -4.46 -11.15
CA MET B 140 -22.51 -3.89 -10.40
C MET B 140 -21.75 -2.95 -11.30
N ASN B 141 -21.34 -3.43 -12.48
CA ASN B 141 -20.62 -2.56 -13.41
C ASN B 141 -21.49 -1.31 -13.50
N GLU B 142 -22.76 -1.54 -13.79
CA GLU B 142 -23.76 -0.51 -13.91
C GLU B 142 -23.66 0.50 -12.78
N LEU B 143 -23.35 0.00 -11.59
CA LEU B 143 -23.25 0.86 -10.44
C LEU B 143 -21.92 1.57 -10.42
N ASP B 144 -21.14 1.36 -11.47
CA ASP B 144 -19.83 2.00 -11.61
C ASP B 144 -18.69 1.25 -10.96
N TYR B 145 -18.88 -0.03 -10.66
CA TYR B 145 -17.82 -0.78 -10.02
C TYR B 145 -17.20 -1.83 -10.92
N SER B 146 -15.91 -2.07 -10.72
CA SER B 146 -15.19 -3.09 -11.47
C SER B 146 -15.74 -4.37 -10.86
N PHE B 147 -15.51 -5.50 -11.50
CA PHE B 147 -16.01 -6.75 -10.93
C PHE B 147 -14.96 -7.83 -10.80
N HIS B 148 -14.62 -8.15 -9.56
CA HIS B 148 -13.63 -9.18 -9.30
C HIS B 148 -14.25 -10.36 -8.58
N ALA B 149 -14.34 -11.48 -9.28
CA ALA B 149 -14.94 -12.65 -8.69
C ALA B 149 -14.28 -13.94 -9.14
N LYS B 150 -13.75 -14.66 -8.16
CA LYS B 150 -13.10 -15.93 -8.40
C LYS B 150 -13.66 -16.83 -7.33
N VAL B 151 -13.47 -18.14 -7.49
CA VAL B 151 -13.97 -19.08 -6.51
C VAL B 151 -12.77 -19.63 -5.75
N LEU B 152 -12.74 -19.37 -4.45
CA LEU B 152 -11.63 -19.82 -3.63
C LEU B 152 -12.02 -20.97 -2.74
N ASN B 153 -11.21 -22.03 -2.78
CA ASN B 153 -11.44 -23.23 -1.98
C ASN B 153 -10.84 -22.99 -0.61
N ALA B 154 -11.67 -22.88 0.41
CA ALA B 154 -11.15 -22.66 1.74
C ALA B 154 -10.04 -23.64 2.03
N LEU B 155 -10.19 -24.87 1.56
CA LEU B 155 -9.16 -25.87 1.80
C LEU B 155 -7.79 -25.44 1.30
N ASP B 156 -7.76 -24.47 0.41
CA ASP B 156 -6.49 -24.00 -0.12
C ASP B 156 -5.92 -22.79 0.61
N TYR B 157 -6.57 -22.40 1.70
CA TYR B 157 -6.12 -21.27 2.48
C TYR B 157 -6.02 -21.60 3.97
N GLY B 158 -5.40 -22.73 4.26
CA GLY B 158 -5.19 -23.13 5.64
C GLY B 158 -6.37 -23.68 6.42
N ILE B 159 -7.53 -23.85 5.78
CA ILE B 159 -8.68 -24.40 6.48
C ILE B 159 -9.00 -25.82 6.01
N PRO B 160 -9.02 -26.77 6.95
CA PRO B 160 -9.30 -28.18 6.63
C PRO B 160 -10.76 -28.43 6.32
N GLN B 161 -11.23 -27.90 5.20
CA GLN B 161 -12.60 -28.14 4.83
C GLN B 161 -12.74 -28.01 3.34
N LYS B 162 -13.14 -29.10 2.70
CA LYS B 162 -13.36 -29.06 1.27
C LYS B 162 -14.60 -28.20 1.13
N ARG B 163 -14.39 -26.91 0.90
CA ARG B 163 -15.50 -25.97 0.71
C ARG B 163 -15.17 -24.94 -0.35
N GLU B 164 -15.85 -25.01 -1.49
CA GLU B 164 -15.61 -24.05 -2.56
C GLU B 164 -16.60 -22.92 -2.48
N ARG B 165 -16.12 -21.70 -2.62
CA ARG B 165 -16.98 -20.53 -2.55
C ARG B 165 -16.64 -19.48 -3.61
N ILE B 166 -17.64 -18.70 -4.02
CA ILE B 166 -17.42 -17.64 -4.99
C ILE B 166 -17.23 -16.36 -4.22
N TYR B 167 -16.22 -15.59 -4.60
CA TYR B 167 -15.94 -14.32 -3.94
C TYR B 167 -15.92 -13.18 -4.94
N MET B 168 -16.68 -12.16 -4.61
CA MET B 168 -16.81 -10.97 -5.45
C MET B 168 -16.29 -9.72 -4.75
N ILE B 169 -15.44 -9.00 -5.47
CA ILE B 169 -14.82 -7.77 -5.00
C ILE B 169 -15.04 -6.72 -6.08
N CYS B 170 -15.67 -5.61 -5.71
CA CYS B 170 -15.93 -4.56 -6.69
C CYS B 170 -15.64 -3.18 -6.13
N PHE B 171 -14.71 -2.49 -6.78
CA PHE B 171 -14.31 -1.15 -6.37
C PHE B 171 -15.02 -0.15 -7.23
N ARG B 172 -15.22 1.06 -6.69
CA ARG B 172 -15.84 2.14 -7.45
C ARG B 172 -14.84 2.47 -8.56
N ASN B 173 -15.34 2.68 -9.77
CA ASN B 173 -14.47 2.99 -10.90
C ASN B 173 -13.53 4.18 -10.66
N ASP B 174 -13.83 4.96 -9.63
CA ASP B 174 -13.02 6.11 -9.28
C ASP B 174 -11.67 5.70 -8.72
N LEU B 175 -11.72 4.94 -7.63
CA LEU B 175 -10.53 4.47 -6.94
C LEU B 175 -9.54 3.79 -7.87
N ASN B 176 -9.92 3.67 -9.14
CA ASN B 176 -9.07 3.06 -10.16
C ASN B 176 -8.10 2.01 -9.63
N ILE B 177 -8.57 1.16 -8.72
CA ILE B 177 -7.72 0.12 -8.17
C ILE B 177 -7.53 -0.94 -9.21
N GLN B 178 -6.30 -1.19 -9.60
CA GLN B 178 -6.01 -2.20 -10.59
C GLN B 178 -5.19 -3.29 -9.96
N ASN B 179 -4.35 -2.87 -9.01
CA ASN B 179 -3.45 -3.76 -8.31
C ASN B 179 -4.12 -4.85 -7.49
N PHE B 180 -5.45 -4.88 -7.42
CA PHE B 180 -6.09 -5.93 -6.63
C PHE B 180 -5.94 -7.37 -7.14
N GLN B 181 -5.60 -8.27 -6.22
CA GLN B 181 -5.40 -9.68 -6.56
C GLN B 181 -5.91 -10.62 -5.47
N PHE B 182 -6.60 -11.68 -5.88
CA PHE B 182 -7.13 -12.68 -4.96
C PHE B 182 -5.92 -13.38 -4.33
N PRO B 183 -5.99 -13.70 -3.02
CA PRO B 183 -4.89 -14.37 -2.32
C PRO B 183 -4.25 -15.55 -3.07
N LYS B 184 -3.01 -15.84 -2.71
CA LYS B 184 -2.24 -16.93 -3.29
C LYS B 184 -2.42 -18.15 -2.39
N PRO B 185 -2.88 -19.27 -2.96
CA PRO B 185 -3.06 -20.46 -2.13
C PRO B 185 -1.73 -21.04 -1.71
N PHE B 186 -1.72 -21.77 -0.61
CA PHE B 186 -0.49 -22.37 -0.10
C PHE B 186 -0.73 -23.83 0.33
N GLU B 187 0.28 -24.43 0.93
CA GLU B 187 0.17 -25.81 1.40
C GLU B 187 -0.74 -25.80 2.61
N LEU B 188 -1.59 -26.81 2.73
CA LEU B 188 -2.51 -26.91 3.86
C LEU B 188 -1.96 -27.86 4.88
N ASN B 189 -1.55 -27.35 6.04
CA ASN B 189 -1.02 -28.22 7.05
C ASN B 189 -1.83 -28.15 8.34
N THR B 190 -3.14 -28.12 8.16
CA THR B 190 -4.06 -28.08 9.27
C THR B 190 -5.18 -29.05 8.89
N PHE B 191 -5.38 -30.09 9.71
CA PHE B 191 -6.42 -31.07 9.42
C PHE B 191 -7.46 -31.22 10.51
N VAL B 192 -8.58 -31.86 10.16
CA VAL B 192 -9.68 -32.06 11.07
C VAL B 192 -9.27 -32.57 12.44
N LYS B 193 -8.32 -33.50 12.48
CA LYS B 193 -7.88 -34.00 13.78
C LYS B 193 -7.52 -32.81 14.66
N ASP B 194 -6.59 -31.99 14.18
CA ASP B 194 -6.11 -30.83 14.92
C ASP B 194 -7.16 -29.88 15.44
N LEU B 195 -8.28 -29.78 14.75
CA LEU B 195 -9.30 -28.86 15.23
C LEU B 195 -10.27 -29.50 16.21
N LEU B 196 -10.45 -30.81 16.10
CA LEU B 196 -11.36 -31.55 16.97
C LEU B 196 -11.21 -31.23 18.46
N LEU B 197 -12.29 -31.45 19.20
CA LEU B 197 -12.37 -31.18 20.63
C LEU B 197 -12.02 -32.39 21.49
N PRO B 198 -11.80 -32.16 22.81
CA PRO B 198 -11.44 -33.23 23.74
C PRO B 198 -12.42 -34.39 23.66
N ASP B 199 -11.89 -35.58 23.38
CA ASP B 199 -12.72 -36.77 23.25
C ASP B 199 -13.70 -36.85 24.41
N SER B 200 -13.35 -36.22 25.53
CA SER B 200 -14.21 -36.22 26.71
C SER B 200 -15.42 -35.31 26.56
N GLU B 201 -15.18 -34.06 26.17
CA GLU B 201 -16.27 -33.12 26.00
C GLU B 201 -17.02 -33.29 24.69
N VAL B 202 -17.27 -34.53 24.25
CA VAL B 202 -17.99 -34.75 22.99
C VAL B 202 -18.82 -36.04 22.95
N GLU B 203 -18.45 -37.02 23.78
CA GLU B 203 -19.15 -38.32 23.86
C GLU B 203 -20.62 -38.22 23.44
N HIS B 204 -21.33 -37.29 24.06
CA HIS B 204 -22.74 -37.09 23.76
C HIS B 204 -23.01 -36.77 22.28
N LEU B 205 -21.99 -36.81 21.44
CA LEU B 205 -22.17 -36.53 20.01
C LEU B 205 -21.84 -37.76 19.20
N VAL B 206 -21.27 -38.75 19.88
CA VAL B 206 -20.88 -40.01 19.25
C VAL B 206 -22.14 -40.80 18.86
N ILE B 207 -21.96 -41.77 17.98
CA ILE B 207 -23.09 -42.54 17.53
C ILE B 207 -22.75 -44.02 17.34
N ASP B 208 -23.53 -44.87 18.01
CA ASP B 208 -23.36 -46.31 17.92
C ASP B 208 -24.42 -46.76 16.94
N ARG B 209 -24.03 -47.61 16.00
CA ARG B 209 -24.98 -48.09 15.02
C ARG B 209 -24.57 -49.38 14.35
N LYS B 210 -25.49 -50.33 14.33
CA LYS B 210 -25.24 -51.63 13.74
C LYS B 210 -24.93 -51.56 12.26
N ASP B 211 -25.50 -50.57 11.57
CA ASP B 211 -25.28 -50.43 10.13
C ASP B 211 -23.94 -49.82 9.71
N LEU B 212 -23.24 -49.18 10.63
CA LEU B 212 -21.96 -48.60 10.24
C LEU B 212 -21.20 -49.61 9.42
N VAL B 213 -20.83 -49.24 8.20
CA VAL B 213 -20.07 -50.14 7.33
C VAL B 213 -18.79 -49.49 6.83
N MET B 214 -17.73 -50.28 6.74
CA MET B 214 -16.45 -49.73 6.31
C MET B 214 -16.14 -49.82 4.82
N THR B 215 -16.36 -48.72 4.11
CA THR B 215 -16.10 -48.67 2.67
C THR B 215 -14.62 -48.47 2.29
N ASN B 216 -13.80 -47.97 3.20
CA ASN B 216 -12.38 -47.72 2.89
C ASN B 216 -11.48 -47.81 4.12
N GLN B 217 -10.21 -48.14 3.91
CA GLN B 217 -9.25 -48.23 5.02
C GLN B 217 -9.02 -46.85 5.63
N GLU B 218 -8.26 -46.79 6.71
CA GLU B 218 -7.93 -45.53 7.37
C GLU B 218 -6.50 -45.12 7.03
N ILE B 219 -6.37 -44.20 6.06
CA ILE B 219 -5.05 -43.70 5.62
C ILE B 219 -4.22 -43.40 6.84
N GLU B 220 -2.93 -43.67 6.74
CA GLU B 220 -2.04 -43.35 7.85
C GLU B 220 -1.60 -41.90 7.55
N GLN B 221 -1.55 -41.56 6.27
CA GLN B 221 -1.17 -40.21 5.84
C GLN B 221 -2.35 -39.23 5.76
N THR B 222 -2.18 -38.03 6.31
CA THR B 222 -3.25 -37.02 6.26
C THR B 222 -3.32 -36.53 4.83
N THR B 223 -4.40 -35.87 4.47
CA THR B 223 -4.52 -35.40 3.11
C THR B 223 -5.57 -34.33 2.84
N PRO B 224 -5.17 -33.31 2.07
CA PRO B 224 -6.04 -32.20 1.70
C PRO B 224 -7.21 -32.64 0.81
N LYS B 225 -8.15 -33.38 1.39
CA LYS B 225 -9.32 -33.87 0.66
C LYS B 225 -10.16 -34.72 1.56
N THR B 226 -11.49 -34.65 1.39
CA THR B 226 -12.41 -35.43 2.21
C THR B 226 -12.20 -36.90 1.85
N VAL B 227 -12.36 -37.79 2.84
CA VAL B 227 -12.14 -39.21 2.60
C VAL B 227 -13.12 -40.14 3.29
N ARG B 228 -14.14 -40.60 2.57
CA ARG B 228 -15.09 -41.51 3.17
C ARG B 228 -14.40 -42.83 3.48
N LEU B 229 -14.53 -43.26 4.73
CA LEU B 229 -13.93 -44.50 5.20
C LEU B 229 -14.99 -45.60 5.16
N GLY B 230 -16.23 -45.18 5.12
CA GLY B 230 -17.32 -46.12 5.10
C GLY B 230 -18.59 -45.33 5.19
N ILE B 231 -19.72 -46.01 5.13
CA ILE B 231 -21.01 -45.37 5.21
C ILE B 231 -21.84 -46.08 6.27
N VAL B 232 -22.89 -45.42 6.74
CA VAL B 232 -23.75 -46.03 7.73
C VAL B 232 -25.17 -45.97 7.19
N GLY B 233 -25.91 -47.06 7.39
CA GLY B 233 -27.28 -47.11 6.90
C GLY B 233 -27.27 -47.11 5.39
N LYS B 234 -28.29 -46.53 4.76
CA LYS B 234 -28.33 -46.52 3.31
C LYS B 234 -27.06 -45.89 2.72
N GLY B 235 -26.41 -45.02 3.49
CA GLY B 235 -25.20 -44.37 3.02
C GLY B 235 -25.43 -43.00 2.40
N GLY B 236 -26.57 -42.39 2.73
CA GLY B 236 -26.87 -41.07 2.19
C GLY B 236 -26.06 -39.93 2.77
N TRP B 237 -26.58 -38.72 2.65
CA TRP B 237 -25.91 -37.55 3.19
C TRP B 237 -26.21 -37.53 4.66
N GLY B 238 -25.19 -37.23 5.46
CA GLY B 238 -25.38 -37.27 6.89
C GLY B 238 -25.37 -38.76 7.15
N GLU B 239 -24.93 -39.48 6.11
CA GLU B 239 -24.85 -40.93 6.14
C GLU B 239 -23.52 -41.51 5.62
N ARG B 240 -22.42 -40.80 5.85
CA ARG B 240 -21.10 -41.28 5.43
C ARG B 240 -20.07 -40.87 6.46
N ILE B 241 -18.87 -41.45 6.37
CA ILE B 241 -17.83 -41.10 7.34
C ILE B 241 -16.51 -40.91 6.63
N TYR B 242 -15.82 -39.83 7.00
CA TYR B 242 -14.54 -39.54 6.40
C TYR B 242 -13.47 -39.48 7.48
N SER B 243 -12.24 -39.77 7.08
CA SER B 243 -11.10 -39.75 7.99
C SER B 243 -10.84 -38.33 8.43
N THR B 244 -10.35 -38.19 9.66
CA THR B 244 -10.06 -36.88 10.22
C THR B 244 -8.71 -36.40 9.69
N ARG B 245 -7.98 -37.28 9.03
CA ARG B 245 -6.69 -36.92 8.47
C ARG B 245 -6.92 -36.15 7.18
N GLY B 246 -8.17 -35.74 6.97
CA GLY B 246 -8.52 -34.99 5.78
C GLY B 246 -9.17 -33.67 6.19
N ILE B 247 -9.93 -33.09 5.27
CA ILE B 247 -10.59 -31.82 5.51
C ILE B 247 -12.09 -32.03 5.57
N ALA B 248 -12.74 -31.51 6.60
CA ALA B 248 -14.18 -31.66 6.71
C ALA B 248 -14.88 -31.50 5.37
N ILE B 249 -15.91 -32.30 5.12
CA ILE B 249 -16.67 -32.17 3.88
C ILE B 249 -17.33 -30.83 4.10
N THR B 250 -18.08 -30.37 3.12
CA THR B 250 -18.71 -29.08 3.27
C THR B 250 -19.75 -29.02 4.38
N LEU B 251 -19.39 -28.35 5.46
CA LEU B 251 -20.30 -28.16 6.58
C LEU B 251 -21.54 -27.51 5.97
N SER B 252 -22.60 -28.28 5.77
CA SER B 252 -23.81 -27.70 5.19
C SER B 252 -24.84 -27.29 6.23
N ALA B 253 -25.65 -26.32 5.87
CA ALA B 253 -26.67 -25.81 6.77
C ALA B 253 -28.05 -26.37 6.51
N TYR B 254 -28.37 -26.66 5.25
CA TYR B 254 -29.69 -27.22 4.95
C TYR B 254 -29.68 -28.67 4.50
N GLY B 255 -28.75 -29.42 5.09
CA GLY B 255 -28.62 -30.84 4.80
C GLY B 255 -29.43 -31.64 5.82
N GLY B 256 -29.40 -32.96 5.68
CA GLY B 256 -30.13 -33.82 6.61
C GLY B 256 -29.43 -35.13 6.84
N GLY B 257 -30.14 -36.08 7.46
CA GLY B 257 -29.55 -37.39 7.71
C GLY B 257 -29.19 -37.64 9.16
N ILE B 258 -28.65 -38.82 9.43
CA ILE B 258 -28.27 -39.15 10.79
C ILE B 258 -27.15 -38.18 11.16
N PHE B 259 -26.14 -38.11 10.30
CA PHE B 259 -25.01 -37.23 10.50
C PHE B 259 -25.25 -35.88 9.82
N ALA B 260 -26.49 -35.50 9.65
CA ALA B 260 -26.81 -34.29 8.88
C ALA B 260 -26.07 -33.01 9.21
N LYS B 261 -25.29 -32.51 8.27
CA LYS B 261 -24.81 -31.18 8.56
C LYS B 261 -23.37 -30.98 8.97
N THR B 262 -22.87 -31.85 9.80
CA THR B 262 -21.49 -31.81 10.19
C THR B 262 -20.80 -32.90 9.34
N GLY B 263 -21.39 -34.09 9.41
CA GLY B 263 -20.83 -35.21 8.69
C GLY B 263 -20.32 -36.23 9.67
N GLY B 264 -20.08 -37.45 9.20
CA GLY B 264 -19.60 -38.48 10.08
C GLY B 264 -18.09 -38.63 10.04
N TYR B 265 -17.46 -38.63 11.22
CA TYR B 265 -16.01 -38.79 11.30
C TYR B 265 -15.62 -39.86 12.30
N LEU B 266 -14.61 -40.63 11.93
CA LEU B 266 -14.09 -41.72 12.75
C LEU B 266 -13.10 -41.22 13.79
N VAL B 267 -13.62 -40.81 14.94
CA VAL B 267 -12.75 -40.32 16.01
C VAL B 267 -12.56 -41.42 17.02
N ASN B 268 -11.35 -41.98 17.05
CA ASN B 268 -11.04 -43.04 17.98
C ASN B 268 -12.04 -44.20 17.83
N GLY B 269 -11.99 -44.87 16.69
CA GLY B 269 -12.86 -46.01 16.46
C GLY B 269 -14.35 -45.75 16.36
N LYS B 270 -14.84 -44.78 17.13
CA LYS B 270 -16.25 -44.44 17.10
C LYS B 270 -16.55 -43.46 15.97
N THR B 271 -17.83 -43.25 15.69
CA THR B 271 -18.25 -42.37 14.62
C THR B 271 -19.18 -41.27 15.14
N ARG B 272 -18.97 -40.03 14.69
CA ARG B 272 -19.83 -38.95 15.14
C ARG B 272 -19.72 -37.68 14.33
N LYS B 273 -20.68 -36.79 14.56
CA LYS B 273 -20.77 -35.52 13.86
C LYS B 273 -19.96 -34.48 14.63
N LEU B 274 -19.40 -33.50 13.91
CA LEU B 274 -18.60 -32.47 14.55
C LEU B 274 -19.43 -31.67 15.55
N HIS B 275 -18.75 -31.04 16.50
CA HIS B 275 -19.40 -30.23 17.52
C HIS B 275 -19.46 -28.80 17.04
N PRO B 276 -20.61 -28.13 17.21
CA PRO B 276 -20.76 -26.74 16.77
C PRO B 276 -19.43 -25.94 16.82
N ARG B 277 -18.75 -25.96 17.96
CA ARG B 277 -17.49 -25.25 18.07
C ARG B 277 -16.56 -25.71 16.98
N GLU B 278 -16.36 -27.02 16.92
CA GLU B 278 -15.51 -27.58 15.89
C GLU B 278 -16.01 -27.03 14.55
N CYS B 279 -17.32 -27.08 14.36
CA CYS B 279 -17.95 -26.55 13.15
C CYS B 279 -17.33 -25.17 12.98
N ALA B 280 -17.34 -24.42 14.07
CA ALA B 280 -16.78 -23.09 14.05
C ALA B 280 -15.38 -23.17 13.49
N ARG B 281 -14.54 -23.92 14.17
CA ARG B 281 -13.17 -24.08 13.75
C ARG B 281 -12.99 -24.49 12.28
N VAL B 282 -13.77 -25.43 11.80
CA VAL B 282 -13.64 -25.84 10.40
C VAL B 282 -14.11 -24.67 9.54
N MET B 283 -14.68 -23.69 10.21
CA MET B 283 -15.21 -22.49 9.55
C MET B 283 -14.28 -21.30 9.79
N GLY B 284 -13.03 -21.60 10.13
CA GLY B 284 -12.05 -20.56 10.35
C GLY B 284 -12.32 -19.68 11.56
N TYR B 285 -13.45 -19.86 12.23
CA TYR B 285 -13.75 -19.04 13.39
C TYR B 285 -12.75 -19.33 14.52
N PRO B 286 -12.67 -18.43 15.52
CA PRO B 286 -11.73 -18.65 16.64
C PRO B 286 -12.44 -19.45 17.73
N ASP B 287 -12.17 -19.09 18.98
CA ASP B 287 -12.80 -19.77 20.11
C ASP B 287 -13.58 -18.71 20.86
N SER B 288 -13.08 -17.49 20.77
CA SER B 288 -13.67 -16.35 21.41
C SER B 288 -15.11 -16.11 20.98
N TYR B 289 -15.47 -16.60 19.80
CA TYR B 289 -16.82 -16.39 19.30
C TYR B 289 -17.85 -17.28 19.97
N LYS B 290 -18.86 -16.68 20.57
CA LYS B 290 -19.91 -17.44 21.26
C LYS B 290 -20.88 -18.15 20.31
N VAL B 291 -20.74 -19.46 20.21
CA VAL B 291 -21.61 -20.25 19.35
C VAL B 291 -23.05 -20.11 19.83
N HIS B 292 -24.00 -20.38 18.95
CA HIS B 292 -25.40 -20.30 19.35
C HIS B 292 -25.68 -21.37 20.40
N PRO B 293 -26.43 -21.03 21.45
CA PRO B 293 -26.70 -22.05 22.46
C PRO B 293 -27.39 -23.31 21.88
N SER B 294 -28.46 -23.10 21.08
CA SER B 294 -29.18 -24.23 20.47
C SER B 294 -28.32 -24.91 19.41
N THR B 295 -27.65 -26.00 19.79
CA THR B 295 -26.78 -26.72 18.88
C THR B 295 -27.38 -26.96 17.50
N SER B 296 -28.68 -27.15 17.44
CA SER B 296 -29.28 -27.36 16.14
C SER B 296 -29.10 -26.06 15.38
N GLN B 297 -29.22 -24.95 16.11
CA GLN B 297 -29.06 -23.62 15.54
C GLN B 297 -27.61 -23.38 15.13
N ALA B 298 -26.72 -23.49 16.11
CA ALA B 298 -25.29 -23.32 15.89
C ALA B 298 -24.85 -24.11 14.65
N TYR B 299 -25.61 -25.15 14.31
CA TYR B 299 -25.28 -25.95 13.15
C TYR B 299 -25.76 -25.24 11.90
N LYS B 300 -27.04 -24.82 11.91
CA LYS B 300 -27.64 -24.13 10.77
C LYS B 300 -26.77 -22.96 10.42
N GLN B 301 -26.68 -22.02 11.37
CA GLN B 301 -25.90 -20.83 11.18
C GLN B 301 -24.54 -21.14 10.56
N PHE B 302 -23.71 -21.85 11.30
CA PHE B 302 -22.39 -22.19 10.82
C PHE B 302 -22.39 -22.75 9.43
N GLY B 303 -23.43 -23.48 9.09
CA GLY B 303 -23.50 -24.07 7.77
C GLY B 303 -23.70 -22.99 6.74
N ASN B 304 -24.13 -21.83 7.22
CA ASN B 304 -24.36 -20.67 6.37
C ASN B 304 -23.18 -19.71 6.33
N SER B 305 -22.68 -19.35 7.50
CA SER B 305 -21.55 -18.43 7.59
C SER B 305 -20.47 -18.76 6.59
N VAL B 306 -19.40 -17.98 6.62
CA VAL B 306 -18.31 -18.19 5.69
C VAL B 306 -16.95 -18.30 6.36
N VAL B 307 -15.99 -18.84 5.62
CA VAL B 307 -14.63 -19.05 6.09
C VAL B 307 -13.88 -17.75 6.35
N ILE B 308 -13.76 -17.42 7.62
CA ILE B 308 -13.08 -16.20 8.04
C ILE B 308 -11.71 -16.08 7.39
N ASN B 309 -10.86 -17.07 7.61
CA ASN B 309 -9.51 -17.09 7.07
C ASN B 309 -9.42 -16.58 5.63
N VAL B 310 -10.38 -16.98 4.81
CA VAL B 310 -10.39 -16.57 3.42
C VAL B 310 -10.87 -15.12 3.35
N LEU B 311 -12.08 -14.90 3.87
CA LEU B 311 -12.66 -13.58 3.93
C LEU B 311 -11.54 -12.63 4.34
N GLN B 312 -10.80 -13.05 5.35
CA GLN B 312 -9.68 -12.28 5.88
C GLN B 312 -8.67 -11.92 4.79
N TYR B 313 -7.91 -12.89 4.32
CA TYR B 313 -6.92 -12.60 3.29
C TYR B 313 -7.40 -11.57 2.28
N ILE B 314 -8.55 -11.83 1.65
CA ILE B 314 -9.09 -10.89 0.68
C ILE B 314 -8.98 -9.52 1.32
N ALA B 315 -9.72 -9.31 2.41
CA ALA B 315 -9.71 -8.04 3.12
C ALA B 315 -8.34 -7.40 3.07
N TYR B 316 -7.32 -8.10 3.54
CA TYR B 316 -5.99 -7.52 3.49
C TYR B 316 -5.74 -7.15 2.05
N ASN B 317 -5.87 -8.12 1.17
CA ASN B 317 -5.66 -7.88 -0.25
C ASN B 317 -6.54 -6.77 -0.78
N ILE B 318 -7.54 -6.38 0.00
CA ILE B 318 -8.45 -5.30 -0.39
C ILE B 318 -7.92 -4.01 0.25
N GLY B 319 -7.51 -4.08 1.52
CA GLY B 319 -6.97 -2.91 2.16
C GLY B 319 -5.79 -2.46 1.35
N SER B 320 -4.91 -3.41 1.05
CA SER B 320 -3.71 -3.16 0.25
C SER B 320 -3.99 -2.36 -1.03
N SER B 321 -4.95 -2.81 -1.83
CA SER B 321 -5.28 -2.14 -3.08
C SER B 321 -5.56 -0.67 -2.84
N LEU B 322 -6.50 -0.38 -1.95
CA LEU B 322 -6.87 0.99 -1.63
C LEU B 322 -5.70 1.86 -1.19
N ASN B 323 -4.91 1.37 -0.24
CA ASN B 323 -3.79 2.12 0.27
C ASN B 323 -2.65 2.40 -0.69
N PHE B 324 -2.69 1.80 -1.87
CA PHE B 324 -1.62 2.08 -2.80
C PHE B 324 -1.96 3.31 -3.60
N LYS B 325 -1.61 4.47 -3.06
CA LYS B 325 -1.88 5.71 -3.76
C LYS B 325 -0.58 6.50 -3.91
N PRO B 326 0.29 6.06 -4.83
CA PRO B 326 1.57 6.75 -5.04
C PRO B 326 1.33 8.05 -5.77
N TYR B 327 2.30 8.97 -5.68
CA TYR B 327 2.19 10.26 -6.35
C TYR B 327 2.43 10.06 -7.84
S SO4 C . 23.61 -0.85 13.35
O1 SO4 C . 25.07 -0.77 13.40
O2 SO4 C . 23.18 -1.18 12.00
O3 SO4 C . 22.85 0.33 13.79
O4 SO4 C . 23.32 -1.96 14.23
S SO4 D . 17.55 30.45 -21.14
O1 SO4 D . 18.94 30.88 -20.93
O2 SO4 D . 16.85 31.62 -21.66
O3 SO4 D . 16.81 30.12 -19.89
O4 SO4 D . 17.56 29.25 -22.00
N SAH E . 22.90 15.33 -1.60
CA SAH E . 23.79 16.50 -1.53
CB SAH E . 24.36 16.75 -2.94
CG SAH E . 25.69 16.05 -3.21
SD SAH E . 27.11 16.89 -4.03
C SAH E . 23.11 17.76 -1.01
O SAH E . 22.03 17.67 -0.27
OXT SAH E . 23.71 18.91 -1.17
C5' SAH E . 28.27 15.50 -3.79
C4' SAH E . 28.72 15.83 -2.39
O4' SAH E . 29.67 14.82 -1.90
C3' SAH E . 29.40 17.17 -2.22
O3' SAH E . 28.98 17.76 -1.00
C2' SAH E . 30.88 16.81 -2.17
O2' SAH E . 31.67 17.74 -1.47
C1' SAH E . 30.83 15.48 -1.44
N9 SAH E . 31.97 14.59 -1.70
C8 SAH E . 32.62 14.38 -2.89
N7 SAH E . 33.60 13.50 -2.81
C5 SAH E . 33.58 13.12 -1.47
C6 SAH E . 34.37 12.19 -0.75
N6 SAH E . 35.32 11.44 -1.31
N1 SAH E . 34.13 12.07 0.57
C2 SAH E . 33.15 12.80 1.11
N3 SAH E . 32.34 13.69 0.54
C4 SAH E . 32.61 13.80 -0.78
UNK UNX F . 23.67 28.19 -22.52
UNK UNX G . 34.14 19.05 -7.87
UNK UNX H . 28.40 -2.53 11.49
UNK UNX I . 17.10 22.15 10.54
UNK UNX J . 23.70 30.20 -13.68
UNK UNX K . 29.83 12.52 -13.59
UNK UNX L . 28.63 9.71 11.80
UNK UNX M . 31.55 4.87 -13.44
N SAH N . -22.85 -14.10 5.62
CA SAH N . -23.36 -14.63 6.85
CB SAH N . -24.33 -15.78 6.58
CG SAH N . -25.67 -15.34 5.97
SD SAH N . -26.40 -16.28 4.57
C SAH N . -22.17 -15.14 7.65
O SAH N . -20.98 -14.97 7.13
OXT SAH N . -22.38 -15.81 8.74
C5' SAH N . -28.00 -15.61 4.00
C4' SAH N . -28.29 -14.67 5.14
O4' SAH N . -29.21 -13.63 4.71
C3' SAH N . -28.92 -15.30 6.37
O3' SAH N . -28.23 -14.86 7.54
C2' SAH N . -30.34 -14.74 6.36
O2' SAH N . -30.90 -14.62 7.65
C1' SAH N . -30.11 -13.37 5.76
N9 SAH N . -31.29 -12.73 5.21
C8 SAH N . -32.04 -13.09 4.12
N7 SAH N . -33.05 -12.29 3.88
C5 SAH N . -32.97 -11.34 4.89
C6 SAH N . -33.76 -10.21 5.20
N6 SAH N . -34.83 -9.84 4.49
N1 SAH N . -33.41 -9.48 6.27
C2 SAH N . -32.34 -9.85 6.98
N3 SAH N . -31.52 -10.88 6.79
C4 SAH N . -31.90 -11.60 5.72
UNK UNX O . -14.99 8.86 -0.24
UNK UNX P . -32.10 -15.47 20.61
UNK UNX Q . -19.97 -21.37 23.36
UNK UNX R . -38.49 -8.07 10.55
UNK UNX S . -30.83 -0.32 -9.71
UNK UNX T . -17.48 -37.68 -1.04
UNK UNX U . -30.29 -48.72 15.44
UNK UNX V . -16.88 -39.51 26.74
UNK UNX W . -13.81 -30.36 25.91
#